data_1QK0
#
_entry.id   1QK0
#
_cell.length_a   48.500
_cell.length_b   74.690
_cell.length_c   91.140
_cell.angle_alpha   90.00
_cell.angle_beta   103.19
_cell.angle_gamma   90.00
#
_symmetry.space_group_name_H-M   'P 1 21 1'
#
loop_
_entity.id
_entity.type
_entity.pdbx_description
1 polymer 'CELLOBIOHYDROLASE CEL6A (FORMERLY CALLED CBH II)'
2 branched beta-D-glucopyranose-(1-4)-beta-D-xylopyranose
3 branched alpha-D-glucopyranose-(1-4)-alpha-D-xylopyranose
4 non-polymer 2-acetamido-2-deoxy-beta-D-glucopyranose
5 non-polymer alpha-D-mannopyranose
6 non-polymer 'COBALT (II) ION'
7 non-polymer '3-IODO-BENZYL ALCOHOL'
8 non-polymer 'IODIDE ION'
9 water water
#
_entity_poly.entity_id   1
_entity_poly.type   'polypeptide(L)'
_entity_poly.pdbx_seq_one_letter_code
;TATYSGNPFVGVTPWANAYYASEVSSLAIPSLTGAMATAAAAVAKVPSFMWLDTLDKTPLMEQTLADIRTANKNGGNYAG
QFVVYDLPDRDCAALASNGEYSIADGGVAKYKNYIDTIRQIVVEYSDIRTLLVIEPDSLANLVTNLGTPKCANAQSAYLE
CINYAVTQLNLPNVAMYLDAGHAGWLGWPANQDPAAQLFANVYKNASSPRALRGLATNVANYNGWNITSPPSYTQGNAVY
NEKLYIHAIGPLLANHGWSNAFFITDQGRSGKQPTGQQQWGDWCNVIGTGFGIRPSANTGDSLLDSFVWVKPGGECDGTS
DSSAPRFDSHCALPDALQPAPQAGAWFQAYFVQLLTNANPSFL
;
_entity_poly.pdbx_strand_id   A,B
#
loop_
_chem_comp.id
_chem_comp.type
_chem_comp.name
_chem_comp.formula
BGC D-saccharide, beta linking beta-D-glucopyranose 'C6 H12 O6'
CO non-polymer 'COBALT (II) ION' 'Co 2'
GLC D-saccharide, alpha linking alpha-D-glucopyranose 'C6 H12 O6'
IOB non-polymer '3-IODO-BENZYL ALCOHOL' 'C7 H7 I O'
IOD non-polymer 'IODIDE ION' 'I -1'
MAN D-saccharide, alpha linking alpha-D-mannopyranose 'C6 H12 O6'
NAG D-saccharide, beta linking 2-acetamido-2-deoxy-beta-D-glucopyranose 'C8 H15 N O6'
XYP D-saccharide, beta linking beta-D-xylopyranose 'C5 H10 O5'
XYS D-saccharide, alpha linking alpha-D-xylopyranose 'C5 H10 O5'
#
# COMPACT_ATOMS: atom_id res chain seq x y z
N THR A 1 -25.79 2.96 -30.13
CA THR A 1 -24.92 4.16 -29.90
C THR A 1 -23.86 3.88 -28.82
N ALA A 2 -24.26 3.23 -27.74
CA ALA A 2 -23.34 2.91 -26.64
C ALA A 2 -22.63 1.58 -26.89
N THR A 3 -22.13 1.41 -28.10
CA THR A 3 -21.45 0.19 -28.50
C THR A 3 -20.16 -0.07 -27.72
N TYR A 4 -19.70 -1.31 -27.76
CA TYR A 4 -18.50 -1.68 -27.02
C TYR A 4 -17.76 -2.87 -27.62
N SER A 5 -16.51 -3.02 -27.23
CA SER A 5 -15.70 -4.14 -27.71
C SER A 5 -15.21 -4.92 -26.50
N GLY A 6 -15.52 -6.21 -26.47
CA GLY A 6 -15.09 -7.04 -25.36
C GLY A 6 -15.92 -6.90 -24.09
N ASN A 7 -15.24 -6.83 -22.95
CA ASN A 7 -15.90 -6.72 -21.66
C ASN A 7 -16.75 -5.45 -21.58
N PRO A 8 -18.08 -5.60 -21.55
CA PRO A 8 -19.02 -4.49 -21.47
C PRO A 8 -18.94 -3.65 -20.18
N PHE A 9 -18.29 -4.19 -19.16
CA PHE A 9 -18.15 -3.46 -17.90
C PHE A 9 -16.98 -2.49 -17.92
N VAL A 10 -16.16 -2.57 -18.97
CA VAL A 10 -15.00 -1.69 -19.11
C VAL A 10 -15.39 -0.45 -19.90
N GLY A 11 -14.97 0.72 -19.42
CA GLY A 11 -15.29 1.95 -20.11
C GLY A 11 -16.59 2.61 -19.68
N VAL A 12 -17.23 2.03 -18.66
CA VAL A 12 -18.48 2.58 -18.14
C VAL A 12 -18.57 2.36 -16.64
N THR A 13 -19.61 2.90 -16.03
CA THR A 13 -19.81 2.77 -14.60
C THR A 13 -21.23 2.36 -14.30
N PRO A 14 -21.41 1.22 -13.61
CA PRO A 14 -22.74 0.71 -13.25
C PRO A 14 -23.54 1.76 -12.48
N TRP A 15 -24.76 1.99 -12.91
CA TRP A 15 -25.64 2.96 -12.27
C TRP A 15 -26.27 2.37 -11.00
N ALA A 16 -26.24 3.13 -9.92
CA ALA A 16 -26.86 2.71 -8.66
C ALA A 16 -28.24 3.34 -8.81
N ASN A 17 -29.26 2.51 -9.04
CA ASN A 17 -30.61 3.00 -9.27
C ASN A 17 -31.32 3.64 -8.08
N ALA A 18 -32.27 4.52 -8.41
CA ALA A 18 -33.06 5.25 -7.42
C ALA A 18 -34.04 4.39 -6.64
N TYR A 19 -34.46 3.28 -7.24
CA TYR A 19 -35.40 2.37 -6.60
C TYR A 19 -34.79 1.82 -5.31
N TYR A 20 -33.61 1.21 -5.42
CA TYR A 20 -32.93 0.64 -4.27
C TYR A 20 -32.52 1.74 -3.28
N ALA A 21 -32.07 2.87 -3.80
CA ALA A 21 -31.65 3.97 -2.95
C ALA A 21 -32.84 4.47 -2.13
N SER A 22 -34.03 4.41 -2.72
CA SER A 22 -35.21 4.86 -2.00
C SER A 22 -35.51 3.91 -0.85
N GLU A 23 -35.40 2.61 -1.12
CA GLU A 23 -35.63 1.60 -0.08
C GLU A 23 -34.70 1.82 1.10
N VAL A 24 -33.41 1.91 0.83
CA VAL A 24 -32.41 2.10 1.89
C VAL A 24 -32.59 3.43 2.64
N SER A 25 -32.73 4.53 1.91
CA SER A 25 -32.87 5.85 2.52
C SER A 25 -34.20 6.09 3.22
N SER A 26 -35.28 5.51 2.70
CA SER A 26 -36.60 5.72 3.29
C SER A 26 -37.15 4.59 4.14
N LEU A 27 -36.60 3.38 3.97
CA LEU A 27 -37.09 2.25 4.75
C LEU A 27 -36.07 1.78 5.79
N ALA A 28 -34.79 1.91 5.48
CA ALA A 28 -33.74 1.46 6.39
C ALA A 28 -33.13 2.53 7.30
N ILE A 29 -32.63 3.61 6.70
CA ILE A 29 -31.98 4.69 7.45
C ILE A 29 -32.83 5.30 8.57
N PRO A 30 -34.15 5.45 8.37
CA PRO A 30 -34.96 6.03 9.44
C PRO A 30 -34.94 5.19 10.73
N SER A 31 -34.57 3.92 10.60
CA SER A 31 -34.50 3.03 11.75
C SER A 31 -33.10 2.97 12.34
N LEU A 32 -32.14 3.58 11.64
CA LEU A 32 -30.77 3.57 12.10
C LEU A 32 -30.30 4.95 12.55
N THR A 33 -29.13 4.99 13.18
CA THR A 33 -28.56 6.23 13.67
C THR A 33 -27.05 6.09 13.80
N GLY A 34 -26.35 7.21 13.88
CA GLY A 34 -24.90 7.18 14.04
C GLY A 34 -24.16 6.49 12.90
N ALA A 35 -23.17 5.69 13.27
CA ALA A 35 -22.34 4.97 12.29
C ALA A 35 -23.17 4.16 11.29
N MET A 36 -24.05 3.31 11.82
CA MET A 36 -24.91 2.48 10.97
C MET A 36 -25.67 3.27 9.91
N ALA A 37 -26.25 4.40 10.32
CA ALA A 37 -27.02 5.22 9.39
C ALA A 37 -26.15 5.77 8.26
N THR A 38 -24.93 6.16 8.61
CA THR A 38 -24.01 6.69 7.62
C THR A 38 -23.50 5.57 6.72
N ALA A 39 -23.21 4.42 7.31
CA ALA A 39 -22.74 3.26 6.53
C ALA A 39 -23.85 2.83 5.57
N ALA A 40 -25.07 2.74 6.09
CA ALA A 40 -26.23 2.35 5.28
C ALA A 40 -26.35 3.25 4.05
N ALA A 41 -26.15 4.55 4.23
CA ALA A 41 -26.25 5.50 3.12
C ALA A 41 -25.27 5.16 2.01
N ALA A 42 -24.11 4.63 2.38
CA ALA A 42 -23.09 4.27 1.40
C ALA A 42 -23.50 3.04 0.61
N VAL A 43 -24.27 2.16 1.24
CA VAL A 43 -24.74 0.95 0.56
C VAL A 43 -25.63 1.30 -0.61
N ALA A 44 -26.41 2.36 -0.46
CA ALA A 44 -27.32 2.80 -1.51
C ALA A 44 -26.57 3.25 -2.75
N LYS A 45 -25.28 3.54 -2.60
CA LYS A 45 -24.48 4.00 -3.73
C LYS A 45 -23.78 2.86 -4.48
N VAL A 46 -23.85 1.66 -3.94
CA VAL A 46 -23.24 0.51 -4.61
C VAL A 46 -24.25 0.07 -5.66
N PRO A 47 -23.83 0.00 -6.94
CA PRO A 47 -24.75 -0.42 -8.00
C PRO A 47 -25.17 -1.89 -7.94
N SER A 48 -26.47 -2.11 -8.06
CA SER A 48 -27.03 -3.45 -8.03
C SER A 48 -27.99 -3.56 -9.21
N PHE A 49 -28.48 -4.75 -9.49
CA PHE A 49 -29.39 -4.94 -10.62
C PHE A 49 -30.85 -4.68 -10.26
N MET A 50 -31.56 -4.02 -11.18
CA MET A 50 -32.99 -3.76 -10.99
C MET A 50 -33.73 -4.94 -11.61
N TRP A 51 -34.57 -5.61 -10.84
CA TRP A 51 -35.31 -6.76 -11.35
C TRP A 51 -36.64 -6.37 -11.97
N LEU A 52 -36.86 -6.86 -13.20
CA LEU A 52 -38.11 -6.59 -13.91
C LEU A 52 -38.90 -7.88 -13.80
N ASP A 53 -39.35 -8.18 -12.58
CA ASP A 53 -40.09 -9.40 -12.27
C ASP A 53 -41.55 -9.41 -12.70
N THR A 54 -42.09 -8.26 -13.08
CA THR A 54 -43.47 -8.18 -13.54
C THR A 54 -43.53 -7.20 -14.71
N LEU A 55 -44.62 -7.25 -15.46
CA LEU A 55 -44.79 -6.33 -16.58
C LEU A 55 -44.97 -4.93 -16.05
N ASP A 56 -45.55 -4.82 -14.85
CA ASP A 56 -45.78 -3.53 -14.20
C ASP A 56 -44.46 -2.86 -13.83
N LYS A 57 -43.39 -3.64 -13.70
CA LYS A 57 -42.09 -3.10 -13.35
C LYS A 57 -41.36 -2.47 -14.52
N THR A 58 -41.71 -2.88 -15.74
CA THR A 58 -41.04 -2.36 -16.92
C THR A 58 -41.00 -0.83 -17.03
N PRO A 59 -42.07 -0.13 -16.66
CA PRO A 59 -41.99 1.33 -16.77
C PRO A 59 -40.83 1.88 -15.93
N LEU A 60 -40.47 1.15 -14.87
CA LEU A 60 -39.37 1.57 -14.00
C LEU A 60 -38.03 1.42 -14.70
N MET A 61 -37.95 0.53 -15.68
CA MET A 61 -36.71 0.36 -16.43
C MET A 61 -36.46 1.62 -17.25
N GLU A 62 -37.50 2.15 -17.87
CA GLU A 62 -37.33 3.36 -18.67
C GLU A 62 -36.98 4.56 -17.81
N GLN A 63 -37.64 4.69 -16.66
CA GLN A 63 -37.37 5.80 -15.75
C GLN A 63 -35.91 5.74 -15.31
N THR A 64 -35.40 4.53 -15.09
CA THR A 64 -34.02 4.35 -14.68
C THR A 64 -33.11 4.81 -15.82
N LEU A 65 -33.40 4.35 -17.03
CA LEU A 65 -32.61 4.74 -18.20
C LEU A 65 -32.71 6.23 -18.44
N ALA A 66 -33.86 6.82 -18.12
CA ALA A 66 -34.04 8.26 -18.28
C ALA A 66 -33.12 8.99 -17.33
N ASP A 67 -32.98 8.44 -16.11
CA ASP A 67 -32.11 9.05 -15.11
C ASP A 67 -30.67 8.97 -15.59
N ILE A 68 -30.32 7.84 -16.20
CA ILE A 68 -28.98 7.65 -16.70
C ILE A 68 -28.70 8.62 -17.84
N ARG A 69 -29.64 8.77 -18.75
CA ARG A 69 -29.45 9.67 -19.87
C ARG A 69 -29.12 11.06 -19.36
N THR A 70 -29.88 11.52 -18.37
CA THR A 70 -29.67 12.83 -17.79
C THR A 70 -28.31 12.92 -17.13
N ALA A 71 -27.92 11.89 -16.39
CA ALA A 71 -26.62 11.89 -15.73
C ALA A 71 -25.50 11.89 -16.77
N ASN A 72 -25.65 11.08 -17.81
CA ASN A 72 -24.64 10.97 -18.86
C ASN A 72 -24.36 12.27 -19.61
N LYS A 73 -25.34 13.17 -19.64
CA LYS A 73 -25.14 14.43 -20.32
C LYS A 73 -24.18 15.30 -19.50
N ASN A 74 -24.12 15.05 -18.20
CA ASN A 74 -23.26 15.80 -17.29
C ASN A 74 -22.03 15.00 -16.86
N GLY A 75 -21.24 14.54 -17.83
CA GLY A 75 -20.05 13.78 -17.50
C GLY A 75 -20.37 12.35 -17.14
N GLY A 76 -21.64 12.07 -16.95
CA GLY A 76 -22.05 10.72 -16.62
C GLY A 76 -21.59 9.77 -17.71
N ASN A 77 -21.18 8.57 -17.28
CA ASN A 77 -20.72 7.54 -18.19
C ASN A 77 -21.25 6.25 -17.59
N TYR A 78 -22.52 6.29 -17.21
CA TYR A 78 -23.19 5.17 -16.56
C TYR A 78 -23.88 4.20 -17.51
N ALA A 79 -24.09 2.98 -17.01
CA ALA A 79 -24.73 1.91 -17.74
C ALA A 79 -25.85 1.33 -16.87
N GLY A 80 -26.97 0.95 -17.47
CA GLY A 80 -28.06 0.39 -16.71
C GLY A 80 -27.89 -1.10 -16.47
N GLN A 81 -28.46 -1.58 -15.37
CA GLN A 81 -28.39 -3.00 -15.02
C GLN A 81 -29.77 -3.53 -14.65
N PHE A 82 -30.27 -4.50 -15.42
CA PHE A 82 -31.60 -5.04 -15.17
C PHE A 82 -31.62 -6.56 -15.29
N VAL A 83 -32.56 -7.18 -14.59
CA VAL A 83 -32.73 -8.62 -14.64
C VAL A 83 -34.05 -8.92 -15.33
N VAL A 84 -34.02 -9.74 -16.38
CA VAL A 84 -35.23 -10.14 -17.09
C VAL A 84 -35.67 -11.39 -16.34
N TYR A 85 -36.82 -11.31 -15.68
CA TYR A 85 -37.29 -12.42 -14.85
C TYR A 85 -38.81 -12.55 -14.82
N ASP A 86 -39.39 -13.07 -15.90
CA ASP A 86 -40.83 -13.22 -15.92
C ASP A 86 -41.31 -14.34 -16.84
N LEU A 87 -40.52 -15.41 -16.95
CA LEU A 87 -40.90 -16.56 -17.77
C LEU A 87 -42.21 -17.18 -17.31
N PRO A 88 -42.99 -17.75 -18.24
CA PRO A 88 -44.25 -18.38 -17.85
C PRO A 88 -43.90 -19.64 -17.06
N ASP A 89 -44.72 -19.99 -16.07
CA ASP A 89 -44.43 -21.15 -15.22
C ASP A 89 -43.03 -20.99 -14.64
N ARG A 90 -42.75 -19.77 -14.20
CA ARG A 90 -41.47 -19.39 -13.61
C ARG A 90 -41.16 -20.25 -12.39
N ASP A 91 -39.86 -20.48 -12.15
CA ASP A 91 -39.42 -21.27 -11.00
C ASP A 91 -40.15 -22.62 -10.92
N CYS A 92 -40.14 -23.35 -12.03
CA CYS A 92 -40.83 -24.65 -12.12
C CYS A 92 -40.57 -25.67 -11.02
N ALA A 93 -39.41 -25.59 -10.36
CA ALA A 93 -39.10 -26.54 -9.31
C ALA A 93 -39.69 -26.16 -7.95
N ALA A 94 -40.00 -24.89 -7.78
CA ALA A 94 -40.58 -24.43 -6.52
C ALA A 94 -42.01 -24.96 -6.43
N LEU A 95 -42.48 -25.22 -5.22
CA LEU A 95 -43.84 -25.72 -5.06
C LEU A 95 -44.82 -24.62 -5.48
N ALA A 96 -44.45 -23.37 -5.17
CA ALA A 96 -45.29 -22.23 -5.53
C ALA A 96 -44.42 -21.05 -5.98
N SER A 97 -44.66 -20.59 -7.20
CA SER A 97 -43.91 -19.46 -7.74
C SER A 97 -44.75 -18.20 -7.67
N ASN A 98 -44.09 -17.04 -7.66
CA ASN A 98 -44.78 -15.77 -7.61
C ASN A 98 -44.97 -15.25 -9.03
N GLY A 99 -44.40 -15.98 -9.99
CA GLY A 99 -44.49 -15.59 -11.38
C GLY A 99 -45.93 -15.30 -11.79
N GLU A 100 -46.12 -14.23 -12.55
CA GLU A 100 -47.45 -13.82 -12.98
C GLU A 100 -47.99 -14.53 -14.23
N TYR A 101 -47.12 -15.18 -15.00
CA TYR A 101 -47.56 -15.87 -16.21
C TYR A 101 -47.57 -17.40 -16.12
N SER A 102 -48.61 -17.99 -16.71
CA SER A 102 -48.78 -19.43 -16.74
C SER A 102 -48.80 -19.94 -18.17
N ILE A 103 -48.03 -20.98 -18.45
CA ILE A 103 -47.97 -21.54 -19.79
C ILE A 103 -49.36 -21.90 -20.30
N ALA A 104 -50.13 -22.59 -19.48
CA ALA A 104 -51.49 -23.01 -19.84
C ALA A 104 -52.43 -21.84 -20.11
N ASP A 105 -52.05 -20.64 -19.68
CA ASP A 105 -52.90 -19.47 -19.88
C ASP A 105 -52.24 -18.44 -20.79
N GLY A 106 -51.86 -18.88 -22.00
CA GLY A 106 -51.21 -17.99 -22.96
C GLY A 106 -49.92 -17.41 -22.44
N GLY A 107 -49.25 -18.17 -21.56
CA GLY A 107 -48.01 -17.72 -20.96
C GLY A 107 -46.87 -17.35 -21.89
N VAL A 108 -46.66 -18.16 -22.92
CA VAL A 108 -45.59 -17.89 -23.87
C VAL A 108 -45.84 -16.61 -24.66
N ALA A 109 -47.08 -16.42 -25.10
CA ALA A 109 -47.46 -15.23 -25.85
C ALA A 109 -47.28 -14.00 -24.97
N LYS A 110 -47.68 -14.12 -23.71
CA LYS A 110 -47.57 -13.01 -22.78
C LYS A 110 -46.10 -12.69 -22.51
N TYR A 111 -45.26 -13.72 -22.48
CA TYR A 111 -43.83 -13.49 -22.24
C TYR A 111 -43.25 -12.68 -23.36
N LYS A 112 -43.58 -13.05 -24.59
CA LYS A 112 -43.10 -12.35 -25.78
C LYS A 112 -43.57 -10.90 -25.76
N ASN A 113 -44.80 -10.67 -25.30
CA ASN A 113 -45.35 -9.31 -25.21
C ASN A 113 -44.47 -8.54 -24.21
N TYR A 114 -44.08 -9.23 -23.14
CA TYR A 114 -43.24 -8.65 -22.10
C TYR A 114 -41.87 -8.25 -22.67
N ILE A 115 -41.29 -9.13 -23.47
CA ILE A 115 -39.99 -8.86 -24.08
C ILE A 115 -40.11 -7.71 -25.07
N ASP A 116 -41.26 -7.60 -25.73
CA ASP A 116 -41.48 -6.55 -26.71
C ASP A 116 -41.41 -5.17 -26.06
N THR A 117 -41.95 -5.05 -24.85
CA THR A 117 -41.92 -3.78 -24.14
C THR A 117 -40.47 -3.42 -23.83
N ILE A 118 -39.70 -4.41 -23.39
CA ILE A 118 -38.32 -4.17 -23.03
C ILE A 118 -37.45 -3.78 -24.22
N ARG A 119 -37.65 -4.43 -25.36
CA ARG A 119 -36.86 -4.09 -26.54
C ARG A 119 -37.17 -2.68 -26.98
N GLN A 120 -38.45 -2.29 -26.93
CA GLN A 120 -38.83 -0.95 -27.34
C GLN A 120 -38.12 0.07 -26.47
N ILE A 121 -37.99 -0.24 -25.19
CA ILE A 121 -37.31 0.65 -24.26
C ILE A 121 -35.82 0.75 -24.60
N VAL A 122 -35.17 -0.39 -24.79
CA VAL A 122 -33.74 -0.42 -25.12
C VAL A 122 -33.44 0.30 -26.43
N VAL A 123 -34.33 0.17 -27.40
CA VAL A 123 -34.14 0.85 -28.68
C VAL A 123 -34.27 2.36 -28.47
N GLU A 124 -35.24 2.77 -27.67
CA GLU A 124 -35.45 4.19 -27.39
C GLU A 124 -34.22 4.74 -26.67
N TYR A 125 -33.57 3.90 -25.87
CA TYR A 125 -32.39 4.32 -25.14
C TYR A 125 -31.12 3.62 -25.63
N SER A 126 -30.92 3.65 -26.94
CA SER A 126 -29.75 3.01 -27.56
C SER A 126 -28.47 3.68 -27.11
N ASP A 127 -28.58 4.93 -26.68
CA ASP A 127 -27.42 5.69 -26.22
C ASP A 127 -26.90 5.22 -24.87
N ILE A 128 -27.62 4.30 -24.23
CA ILE A 128 -27.19 3.82 -22.94
C ILE A 128 -26.83 2.34 -22.96
N ARG A 129 -25.61 2.02 -22.54
CA ARG A 129 -25.17 0.64 -22.51
C ARG A 129 -26.00 -0.07 -21.45
N THR A 130 -26.66 -1.14 -21.85
CA THR A 130 -27.53 -1.88 -20.95
C THR A 130 -27.05 -3.30 -20.68
N LEU A 131 -26.77 -3.59 -19.42
CA LEU A 131 -26.26 -4.89 -18.98
C LEU A 131 -27.42 -5.71 -18.41
N LEU A 132 -27.68 -6.88 -19.00
CA LEU A 132 -28.79 -7.71 -18.57
C LEU A 132 -28.47 -9.14 -18.15
N VAL A 133 -29.18 -9.60 -17.12
CA VAL A 133 -29.05 -10.98 -16.64
C VAL A 133 -30.32 -11.61 -17.15
N ILE A 134 -30.19 -12.69 -17.91
CA ILE A 134 -31.35 -13.34 -18.50
C ILE A 134 -31.92 -14.53 -17.72
N GLU A 135 -33.12 -14.33 -17.21
CA GLU A 135 -33.90 -15.32 -16.47
C GLU A 135 -33.27 -16.23 -15.43
N PRO A 136 -33.02 -15.71 -14.22
CA PRO A 136 -32.43 -16.54 -13.17
C PRO A 136 -33.42 -17.66 -12.82
N ASP A 137 -32.91 -18.78 -12.31
CA ASP A 137 -33.74 -19.90 -11.90
C ASP A 137 -34.58 -20.49 -13.03
N SER A 138 -34.04 -20.54 -14.24
CA SER A 138 -34.79 -21.09 -15.36
C SER A 138 -34.06 -22.25 -16.04
N LEU A 139 -33.07 -21.96 -16.87
CA LEU A 139 -32.34 -23.03 -17.57
C LEU A 139 -31.69 -24.06 -16.65
N ALA A 140 -31.25 -23.63 -15.47
CA ALA A 140 -30.63 -24.54 -14.52
C ALA A 140 -31.54 -25.70 -14.16
N ASN A 141 -32.84 -25.43 -14.08
CA ASN A 141 -33.83 -26.46 -13.73
C ASN A 141 -33.86 -27.59 -14.77
N LEU A 142 -33.58 -27.24 -16.02
CA LEU A 142 -33.60 -28.21 -17.10
C LEU A 142 -32.45 -29.21 -17.00
N VAL A 143 -31.45 -28.88 -16.20
CA VAL A 143 -30.30 -29.78 -16.04
C VAL A 143 -30.53 -30.81 -14.93
N THR A 144 -31.10 -30.37 -13.82
CA THR A 144 -31.30 -31.28 -12.69
C THR A 144 -32.71 -31.52 -12.21
N ASN A 145 -33.67 -30.71 -12.65
CA ASN A 145 -35.03 -30.88 -12.14
C ASN A 145 -36.11 -31.34 -13.11
N LEU A 146 -35.72 -32.02 -14.18
CA LEU A 146 -36.70 -32.49 -15.14
C LEU A 146 -37.52 -33.60 -14.50
N GLY A 147 -37.07 -34.05 -13.33
CA GLY A 147 -37.78 -35.07 -12.59
C GLY A 147 -39.05 -34.45 -12.03
N THR A 148 -39.09 -33.12 -12.01
CA THR A 148 -40.25 -32.40 -11.52
C THR A 148 -41.14 -32.14 -12.74
N PRO A 149 -42.37 -32.68 -12.71
CA PRO A 149 -43.32 -32.52 -13.81
C PRO A 149 -43.48 -31.10 -14.33
N LYS A 150 -43.66 -30.14 -13.43
CA LYS A 150 -43.82 -28.76 -13.86
C LYS A 150 -42.63 -28.31 -14.72
N CYS A 151 -41.44 -28.79 -14.38
CA CYS A 151 -40.24 -28.43 -15.13
C CYS A 151 -40.19 -29.16 -16.47
N ALA A 152 -40.56 -30.43 -16.47
CA ALA A 152 -40.55 -31.22 -17.69
C ALA A 152 -41.51 -30.60 -18.70
N ASN A 153 -42.68 -30.21 -18.22
CA ASN A 153 -43.71 -29.61 -19.06
C ASN A 153 -43.39 -28.18 -19.49
N ALA A 154 -42.48 -27.51 -18.77
CA ALA A 154 -42.13 -26.14 -19.08
C ALA A 154 -40.86 -26.00 -19.94
N GLN A 155 -40.13 -27.09 -20.13
CA GLN A 155 -38.89 -27.03 -20.89
C GLN A 155 -38.98 -26.34 -22.25
N SER A 156 -39.90 -26.79 -23.11
CA SER A 156 -40.03 -26.17 -24.43
C SER A 156 -40.40 -24.70 -24.35
N ALA A 157 -41.26 -24.33 -23.40
CA ALA A 157 -41.67 -22.93 -23.26
C ALA A 157 -40.46 -22.11 -22.79
N TYR A 158 -39.71 -22.66 -21.83
CA TYR A 158 -38.52 -21.99 -21.31
C TYR A 158 -37.54 -21.74 -22.46
N LEU A 159 -37.33 -22.75 -23.29
CA LEU A 159 -36.40 -22.64 -24.40
C LEU A 159 -36.88 -21.69 -25.48
N GLU A 160 -38.17 -21.72 -25.77
CA GLU A 160 -38.72 -20.84 -26.80
C GLU A 160 -38.62 -19.38 -26.36
N CYS A 161 -39.08 -19.12 -25.14
CA CYS A 161 -39.07 -17.77 -24.58
C CYS A 161 -37.68 -17.18 -24.46
N ILE A 162 -36.74 -17.97 -23.96
CA ILE A 162 -35.37 -17.48 -23.81
C ILE A 162 -34.76 -17.16 -25.16
N ASN A 163 -35.11 -17.95 -26.17
CA ASN A 163 -34.60 -17.72 -27.52
C ASN A 163 -35.18 -16.41 -28.05
N TYR A 164 -36.42 -16.11 -27.67
CA TYR A 164 -37.07 -14.88 -28.11
C TYR A 164 -36.40 -13.66 -27.46
N ALA A 165 -36.14 -13.77 -26.15
CA ALA A 165 -35.51 -12.70 -25.40
C ALA A 165 -34.11 -12.37 -25.89
N VAL A 166 -33.28 -13.40 -26.07
CA VAL A 166 -31.91 -13.21 -26.52
C VAL A 166 -31.79 -12.67 -27.94
N THR A 167 -32.66 -13.11 -28.84
CA THR A 167 -32.62 -12.64 -30.22
C THR A 167 -33.20 -11.24 -30.38
N GLN A 168 -34.23 -10.94 -29.60
CA GLN A 168 -34.88 -9.63 -29.67
C GLN A 168 -34.08 -8.54 -28.96
N LEU A 169 -33.28 -8.93 -27.98
CA LEU A 169 -32.50 -7.96 -27.22
C LEU A 169 -31.04 -7.93 -27.68
N ASN A 170 -30.76 -8.62 -28.79
CA ASN A 170 -29.40 -8.67 -29.34
C ASN A 170 -29.17 -7.33 -30.06
N LEU A 171 -28.86 -6.31 -29.28
CA LEU A 171 -28.61 -4.98 -29.81
C LEU A 171 -27.21 -4.48 -29.41
N PRO A 172 -26.64 -3.57 -30.23
CA PRO A 172 -25.31 -2.97 -30.05
C PRO A 172 -25.00 -2.37 -28.67
N ASN A 173 -26.01 -1.82 -28.01
CA ASN A 173 -25.83 -1.21 -26.69
C ASN A 173 -26.15 -2.17 -25.56
N VAL A 174 -26.36 -3.44 -25.91
CA VAL A 174 -26.71 -4.45 -24.92
C VAL A 174 -25.67 -5.55 -24.71
N ALA A 175 -25.61 -6.04 -23.48
CA ALA A 175 -24.73 -7.13 -23.11
C ALA A 175 -25.59 -8.05 -22.23
N MET A 176 -25.79 -9.28 -22.67
CA MET A 176 -26.60 -10.21 -21.92
C MET A 176 -25.78 -11.34 -21.30
N TYR A 177 -26.19 -11.77 -20.13
CA TYR A 177 -25.54 -12.86 -19.43
C TYR A 177 -26.63 -13.82 -19.02
N LEU A 178 -26.58 -15.04 -19.56
CA LEU A 178 -27.56 -16.06 -19.25
C LEU A 178 -27.36 -16.59 -17.84
N ASP A 179 -28.42 -16.64 -17.04
CA ASP A 179 -28.26 -17.16 -15.68
C ASP A 179 -27.79 -18.59 -15.81
N ALA A 180 -26.78 -18.96 -15.02
CA ALA A 180 -26.23 -20.31 -15.07
C ALA A 180 -26.12 -20.94 -13.68
N GLY A 181 -27.07 -20.64 -12.81
CA GLY A 181 -27.06 -21.19 -11.47
C GLY A 181 -25.81 -20.85 -10.70
N HIS A 182 -25.29 -21.82 -9.94
CA HIS A 182 -24.08 -21.58 -9.15
C HIS A 182 -23.34 -22.89 -8.87
N ALA A 183 -22.15 -22.76 -8.28
CA ALA A 183 -21.31 -23.92 -7.98
C ALA A 183 -22.06 -25.07 -7.33
N GLY A 184 -22.91 -24.76 -6.36
CA GLY A 184 -23.65 -25.79 -5.66
C GLY A 184 -24.76 -26.43 -6.47
N TRP A 185 -25.11 -25.83 -7.60
CA TRP A 185 -26.16 -26.36 -8.45
C TRP A 185 -25.54 -27.10 -9.62
N LEU A 186 -25.01 -26.34 -10.57
CA LEU A 186 -24.41 -26.89 -11.78
C LEU A 186 -22.90 -27.11 -11.68
N GLY A 187 -22.31 -26.63 -10.58
CA GLY A 187 -20.88 -26.79 -10.39
C GLY A 187 -20.45 -28.23 -10.12
N TRP A 188 -21.38 -29.05 -9.61
CA TRP A 188 -21.06 -30.45 -9.35
C TRP A 188 -20.59 -31.08 -10.64
N PRO A 189 -19.46 -31.82 -10.60
CA PRO A 189 -18.90 -32.46 -11.80
C PRO A 189 -19.92 -33.14 -12.72
N ALA A 190 -20.86 -33.88 -12.15
CA ALA A 190 -21.88 -34.57 -12.94
C ALA A 190 -22.82 -33.64 -13.71
N ASN A 191 -22.98 -32.40 -13.24
CA ASN A 191 -23.87 -31.47 -13.92
C ASN A 191 -23.18 -30.58 -14.94
N GLN A 192 -21.86 -30.45 -14.83
CA GLN A 192 -21.07 -29.60 -15.71
C GLN A 192 -21.28 -29.74 -17.22
N ASP A 193 -21.03 -30.90 -17.78
CA ASP A 193 -21.19 -31.07 -19.23
C ASP A 193 -22.63 -30.89 -19.69
N PRO A 194 -23.59 -31.49 -18.98
CA PRO A 194 -24.98 -31.32 -19.41
C PRO A 194 -25.33 -29.83 -19.45
N ALA A 195 -24.83 -29.08 -18.46
CA ALA A 195 -25.09 -27.64 -18.38
C ALA A 195 -24.44 -26.93 -19.57
N ALA A 196 -23.15 -27.19 -19.79
CA ALA A 196 -22.43 -26.58 -20.90
C ALA A 196 -23.14 -26.88 -22.21
N GLN A 197 -23.56 -28.14 -22.36
CA GLN A 197 -24.27 -28.60 -23.56
C GLN A 197 -25.51 -27.74 -23.81
N LEU A 198 -26.26 -27.49 -22.76
CA LEU A 198 -27.49 -26.70 -22.83
C LEU A 198 -27.27 -25.22 -23.13
N PHE A 199 -26.38 -24.58 -22.38
CA PHE A 199 -26.12 -23.16 -22.60
C PHE A 199 -25.56 -22.94 -24.01
N ALA A 200 -24.66 -23.82 -24.43
CA ALA A 200 -24.07 -23.71 -25.76
C ALA A 200 -25.16 -23.88 -26.82
N ASN A 201 -26.11 -24.75 -26.58
CA ASN A 201 -27.20 -24.97 -27.53
C ASN A 201 -28.10 -23.75 -27.65
N VAL A 202 -28.31 -23.08 -26.53
CA VAL A 202 -29.15 -21.87 -26.52
C VAL A 202 -28.43 -20.78 -27.31
N TYR A 203 -27.12 -20.69 -27.15
CA TYR A 203 -26.31 -19.69 -27.84
C TYR A 203 -26.38 -19.91 -29.35
N LYS A 204 -25.99 -21.09 -29.79
CA LYS A 204 -25.98 -21.43 -31.20
C LYS A 204 -27.37 -21.36 -31.83
N ASN A 205 -28.37 -21.81 -31.09
CA ASN A 205 -29.74 -21.80 -31.58
C ASN A 205 -30.25 -20.38 -31.78
N ALA A 206 -29.65 -19.43 -31.07
CA ALA A 206 -30.04 -18.03 -31.19
C ALA A 206 -29.11 -17.36 -32.19
N SER A 207 -28.42 -18.16 -33.00
CA SER A 207 -27.50 -17.66 -34.02
C SER A 207 -26.33 -16.87 -33.45
N SER A 208 -25.79 -17.33 -32.33
CA SER A 208 -24.64 -16.69 -31.70
C SER A 208 -24.77 -15.18 -31.62
N PRO A 209 -25.76 -14.68 -30.85
CA PRO A 209 -25.98 -13.24 -30.70
C PRO A 209 -24.72 -12.55 -30.19
N ARG A 210 -24.31 -11.50 -30.88
CA ARG A 210 -23.12 -10.77 -30.46
C ARG A 210 -23.31 -10.15 -29.08
N ALA A 211 -24.56 -9.84 -28.71
CA ALA A 211 -24.86 -9.25 -27.42
C ALA A 211 -24.80 -10.25 -26.27
N LEU A 212 -24.85 -11.54 -26.59
CA LEU A 212 -24.80 -12.57 -25.56
C LEU A 212 -23.35 -12.85 -25.21
N ARG A 213 -22.84 -12.05 -24.26
CA ARG A 213 -21.47 -12.13 -23.79
C ARG A 213 -21.12 -13.36 -22.97
N GLY A 214 -22.10 -13.94 -22.28
CA GLY A 214 -21.78 -15.11 -21.48
C GLY A 214 -22.81 -15.53 -20.46
N LEU A 215 -22.35 -15.95 -19.28
CA LEU A 215 -23.24 -16.42 -18.23
C LEU A 215 -23.09 -15.68 -16.91
N ALA A 216 -24.13 -15.74 -16.09
CA ALA A 216 -24.16 -15.10 -14.78
C ALA A 216 -24.30 -16.21 -13.75
N THR A 217 -23.57 -16.11 -12.63
CA THR A 217 -23.66 -17.14 -11.61
C THR A 217 -23.84 -16.57 -10.21
N ASN A 218 -24.33 -17.43 -9.31
CA ASN A 218 -24.56 -17.08 -7.90
C ASN A 218 -25.64 -16.02 -7.71
N VAL A 219 -26.44 -15.77 -8.76
CA VAL A 219 -27.51 -14.79 -8.67
C VAL A 219 -28.42 -15.14 -7.50
N ALA A 220 -28.59 -14.19 -6.57
CA ALA A 220 -29.43 -14.39 -5.41
C ALA A 220 -28.91 -15.46 -4.46
N ASN A 221 -27.71 -15.98 -4.71
CA ASN A 221 -27.17 -16.99 -3.81
C ASN A 221 -26.04 -16.42 -2.96
N TYR A 222 -25.40 -17.25 -2.16
CA TYR A 222 -24.38 -16.76 -1.25
C TYR A 222 -22.98 -17.35 -1.34
N ASN A 223 -22.68 -18.09 -2.40
CA ASN A 223 -21.36 -18.69 -2.56
C ASN A 223 -20.22 -17.68 -2.56
N GLY A 224 -19.04 -18.15 -2.16
CA GLY A 224 -17.89 -17.26 -2.16
C GLY A 224 -17.32 -17.25 -3.57
N TRP A 225 -16.68 -16.15 -3.94
CA TRP A 225 -16.07 -16.04 -5.26
C TRP A 225 -14.82 -16.93 -5.32
N ASN A 226 -13.94 -16.74 -4.34
CA ASN A 226 -12.67 -17.48 -4.30
C ASN A 226 -12.25 -17.96 -2.91
N ILE A 227 -13.19 -18.38 -2.08
CA ILE A 227 -12.82 -18.84 -0.74
C ILE A 227 -11.82 -20.00 -0.82
N THR A 228 -10.87 -20.01 0.10
CA THR A 228 -9.81 -21.01 0.12
C THR A 228 -10.04 -22.33 0.83
N SER A 229 -11.15 -22.46 1.56
CA SER A 229 -11.45 -23.70 2.25
C SER A 229 -12.91 -24.09 2.05
N PRO A 230 -13.18 -25.37 1.78
CA PRO A 230 -14.54 -25.84 1.57
C PRO A 230 -15.49 -25.77 2.77
N PRO A 231 -16.61 -25.06 2.62
CA PRO A 231 -17.56 -24.97 3.73
C PRO A 231 -18.11 -26.37 3.97
N SER A 232 -18.58 -26.65 5.18
CA SER A 232 -19.11 -27.97 5.50
C SER A 232 -20.27 -28.39 4.58
N TYR A 233 -21.12 -27.43 4.23
CA TYR A 233 -22.27 -27.72 3.38
C TYR A 233 -21.97 -28.01 1.92
N THR A 234 -20.72 -27.82 1.51
CA THR A 234 -20.33 -28.09 0.13
C THR A 234 -19.65 -29.43 0.01
N GLN A 235 -19.60 -30.19 1.09
CA GLN A 235 -18.91 -31.48 1.07
C GLN A 235 -19.32 -32.41 -0.07
N GLY A 236 -18.30 -32.93 -0.75
CA GLY A 236 -18.52 -33.83 -1.85
C GLY A 236 -18.34 -33.12 -3.18
N ASN A 237 -18.43 -31.79 -3.17
CA ASN A 237 -18.28 -31.01 -4.40
C ASN A 237 -16.94 -30.27 -4.47
N ALA A 238 -16.07 -30.74 -5.35
CA ALA A 238 -14.76 -30.12 -5.55
C ALA A 238 -14.89 -28.67 -5.98
N VAL A 239 -16.00 -28.35 -6.64
CA VAL A 239 -16.24 -26.99 -7.08
C VAL A 239 -17.07 -26.31 -5.99
N TYR A 240 -16.39 -25.78 -4.98
CA TYR A 240 -17.07 -25.14 -3.85
C TYR A 240 -17.09 -23.61 -3.83
N ASN A 241 -16.63 -22.98 -4.90
CA ASN A 241 -16.69 -21.52 -5.01
C ASN A 241 -16.93 -21.20 -6.48
N GLU A 242 -17.36 -19.97 -6.74
CA GLU A 242 -17.68 -19.55 -8.11
C GLU A 242 -16.51 -19.50 -9.09
N LYS A 243 -15.32 -19.17 -8.59
CA LYS A 243 -14.16 -19.12 -9.47
C LYS A 243 -13.93 -20.51 -10.04
N LEU A 244 -13.99 -21.52 -9.17
CA LEU A 244 -13.80 -22.91 -9.61
C LEU A 244 -14.88 -23.33 -10.59
N TYR A 245 -16.09 -22.83 -10.37
CA TYR A 245 -17.23 -23.16 -11.24
C TYR A 245 -17.08 -22.62 -12.65
N ILE A 246 -16.76 -21.33 -12.80
CA ILE A 246 -16.64 -20.80 -14.15
C ILE A 246 -15.44 -21.34 -14.90
N HIS A 247 -14.37 -21.71 -14.19
CA HIS A 247 -13.21 -22.27 -14.85
C HIS A 247 -13.45 -23.71 -15.26
N ALA A 248 -14.46 -24.33 -14.66
CA ALA A 248 -14.81 -25.70 -14.96
C ALA A 248 -15.73 -25.75 -16.17
N ILE A 249 -16.80 -24.95 -16.13
CA ILE A 249 -17.74 -24.96 -17.25
C ILE A 249 -17.29 -24.15 -18.46
N GLY A 250 -16.47 -23.14 -18.24
CA GLY A 250 -15.99 -22.31 -19.33
C GLY A 250 -15.42 -23.12 -20.49
N PRO A 251 -14.38 -23.93 -20.25
CA PRO A 251 -13.80 -24.75 -21.33
C PRO A 251 -14.81 -25.69 -21.96
N LEU A 252 -15.80 -26.12 -21.19
CA LEU A 252 -16.83 -27.02 -21.72
C LEU A 252 -17.78 -26.28 -22.66
N LEU A 253 -18.00 -24.99 -22.43
CA LEU A 253 -18.86 -24.21 -23.31
C LEU A 253 -18.18 -24.16 -24.68
N ALA A 254 -16.87 -23.94 -24.68
CA ALA A 254 -16.12 -23.88 -25.93
C ALA A 254 -16.15 -25.23 -26.62
N ASN A 255 -16.05 -26.31 -25.85
CA ASN A 255 -16.09 -27.65 -26.43
C ASN A 255 -17.41 -27.88 -27.15
N HIS A 256 -18.46 -27.20 -26.72
CA HIS A 256 -19.78 -27.38 -27.31
C HIS A 256 -20.21 -26.32 -28.31
N GLY A 257 -19.28 -25.51 -28.79
CA GLY A 257 -19.63 -24.50 -29.78
C GLY A 257 -19.75 -23.06 -29.32
N TRP A 258 -19.60 -22.80 -28.02
CA TRP A 258 -19.70 -21.44 -27.53
C TRP A 258 -18.33 -20.93 -27.06
N SER A 259 -17.57 -20.34 -27.99
CA SER A 259 -16.27 -19.81 -27.67
C SER A 259 -16.41 -18.37 -27.22
N ASN A 260 -15.42 -17.89 -26.48
CA ASN A 260 -15.40 -16.52 -25.98
C ASN A 260 -16.56 -16.14 -25.08
N ALA A 261 -16.97 -17.08 -24.23
CA ALA A 261 -18.05 -16.81 -23.28
C ALA A 261 -17.39 -16.32 -22.00
N PHE A 262 -17.94 -15.26 -21.42
CA PHE A 262 -17.37 -14.73 -20.18
C PHE A 262 -18.41 -14.77 -19.09
N PHE A 263 -18.04 -14.41 -17.87
CA PHE A 263 -18.97 -14.47 -16.75
C PHE A 263 -19.00 -13.27 -15.84
N ILE A 264 -20.09 -13.17 -15.09
CA ILE A 264 -20.24 -12.16 -14.06
C ILE A 264 -20.78 -12.98 -12.91
N THR A 265 -20.40 -12.64 -11.69
CA THR A 265 -20.84 -13.39 -10.53
C THR A 265 -21.33 -12.47 -9.43
N ASP A 266 -22.46 -12.86 -8.85
CA ASP A 266 -23.09 -12.09 -7.78
C ASP A 266 -22.33 -12.28 -6.47
N GLN A 267 -22.01 -11.17 -5.81
CA GLN A 267 -21.32 -11.22 -4.52
C GLN A 267 -22.03 -10.35 -3.50
N GLY A 268 -23.21 -9.86 -3.86
CA GLY A 268 -23.98 -9.00 -2.99
C GLY A 268 -24.31 -9.56 -1.62
N ARG A 269 -24.27 -10.88 -1.47
CA ARG A 269 -24.57 -11.48 -0.16
C ARG A 269 -23.58 -12.60 0.18
N SER A 270 -22.36 -12.46 -0.35
CA SER A 270 -21.28 -13.42 -0.18
C SER A 270 -20.16 -12.95 0.74
N GLY A 271 -20.31 -11.78 1.35
CA GLY A 271 -19.27 -11.22 2.20
C GLY A 271 -18.77 -12.03 3.39
N LYS A 272 -19.64 -12.86 3.96
CA LYS A 272 -19.22 -13.67 5.10
C LYS A 272 -19.21 -15.14 4.68
N GLN A 273 -18.07 -15.79 4.89
CA GLN A 273 -17.90 -17.19 4.53
C GLN A 273 -17.19 -17.91 5.68
N PRO A 274 -17.69 -19.09 6.06
CA PRO A 274 -18.86 -19.74 5.47
C PRO A 274 -20.14 -19.04 5.92
N THR A 275 -21.24 -19.33 5.25
CA THR A 275 -22.54 -18.73 5.59
C THR A 275 -23.15 -19.56 6.71
N GLY A 276 -24.39 -19.23 7.08
CA GLY A 276 -25.08 -19.96 8.12
C GLY A 276 -25.89 -21.11 7.54
N GLN A 277 -25.71 -21.39 6.26
CA GLN A 277 -26.44 -22.46 5.61
C GLN A 277 -26.19 -23.82 6.25
N GLN A 278 -27.27 -24.53 6.55
CA GLN A 278 -27.18 -25.87 7.14
C GLN A 278 -27.03 -26.83 5.96
N GLN A 279 -27.71 -26.49 4.88
CA GLN A 279 -27.68 -27.25 3.63
C GLN A 279 -27.40 -26.24 2.52
N TRP A 280 -26.60 -26.64 1.54
CA TRP A 280 -26.26 -25.76 0.43
C TRP A 280 -27.51 -25.31 -0.32
N GLY A 281 -28.51 -26.18 -0.33
CA GLY A 281 -29.76 -25.90 -1.01
C GLY A 281 -30.69 -24.94 -0.29
N ASP A 282 -30.30 -24.49 0.89
CA ASP A 282 -31.13 -23.53 1.62
C ASP A 282 -30.84 -22.16 1.00
N TRP A 283 -31.84 -21.65 0.28
CA TRP A 283 -31.75 -20.39 -0.46
C TRP A 283 -32.49 -19.18 0.13
N CYS A 284 -33.39 -19.41 1.08
CA CYS A 284 -34.18 -18.31 1.63
C CYS A 284 -33.64 -17.53 2.84
N ASN A 285 -33.42 -16.23 2.65
CA ASN A 285 -32.93 -15.35 3.70
C ASN A 285 -31.94 -16.02 4.66
N VAL A 286 -30.90 -16.61 4.08
CA VAL A 286 -29.88 -17.31 4.86
C VAL A 286 -29.24 -16.41 5.91
N ILE A 287 -29.11 -16.93 7.13
CA ILE A 287 -28.51 -16.18 8.23
C ILE A 287 -26.99 -16.27 8.11
N GLY A 288 -26.30 -15.37 8.80
CA GLY A 288 -24.84 -15.38 8.76
C GLY A 288 -24.24 -14.92 7.44
N THR A 289 -24.89 -13.97 6.78
CA THR A 289 -24.38 -13.46 5.51
C THR A 289 -24.04 -11.97 5.63
N GLY A 290 -23.27 -11.47 4.68
CA GLY A 290 -22.92 -10.06 4.68
C GLY A 290 -22.66 -9.59 3.26
N PHE A 291 -22.71 -8.28 3.05
CA PHE A 291 -22.45 -7.72 1.72
C PHE A 291 -21.04 -8.20 1.36
N GLY A 292 -20.83 -8.52 0.09
CA GLY A 292 -19.52 -9.01 -0.32
C GLY A 292 -18.68 -8.09 -1.18
N ILE A 293 -17.87 -8.70 -2.03
CA ILE A 293 -17.00 -7.96 -2.94
C ILE A 293 -17.79 -6.95 -3.74
N ARG A 294 -17.28 -5.73 -3.80
CA ARG A 294 -17.97 -4.65 -4.52
C ARG A 294 -17.88 -4.82 -6.04
N PRO A 295 -18.92 -4.36 -6.76
CA PRO A 295 -18.97 -4.45 -8.23
C PRO A 295 -17.71 -3.83 -8.83
N SER A 296 -17.03 -4.59 -9.68
CA SER A 296 -15.81 -4.11 -10.30
C SER A 296 -15.32 -5.04 -11.39
N ALA A 297 -14.81 -4.45 -12.46
CA ALA A 297 -14.27 -5.20 -13.59
C ALA A 297 -12.84 -5.67 -13.34
N ASN A 298 -12.20 -5.14 -12.30
CA ASN A 298 -10.84 -5.53 -11.96
C ASN A 298 -10.91 -6.78 -11.11
N THR A 299 -11.24 -7.90 -11.77
CA THR A 299 -11.41 -9.18 -11.12
C THR A 299 -10.16 -10.03 -10.95
N GLY A 300 -9.09 -9.68 -11.65
CA GLY A 300 -7.87 -10.44 -11.55
C GLY A 300 -8.05 -11.82 -12.16
N ASP A 301 -9.10 -11.97 -12.96
CA ASP A 301 -9.41 -13.25 -13.61
C ASP A 301 -10.20 -12.91 -14.85
N SER A 302 -9.56 -13.02 -16.01
CA SER A 302 -10.18 -12.68 -17.28
C SER A 302 -11.51 -13.39 -17.61
N LEU A 303 -11.74 -14.57 -17.08
CA LEU A 303 -13.01 -15.25 -17.36
C LEU A 303 -14.16 -14.46 -16.74
N LEU A 304 -13.89 -13.80 -15.63
CA LEU A 304 -14.91 -13.01 -14.95
C LEU A 304 -14.83 -11.55 -15.39
N ASP A 305 -15.84 -11.11 -16.14
CA ASP A 305 -15.88 -9.74 -16.62
C ASP A 305 -16.05 -8.78 -15.46
N SER A 306 -16.82 -9.19 -14.45
CA SER A 306 -17.06 -8.31 -13.32
C SER A 306 -17.76 -8.94 -12.14
N PHE A 307 -17.44 -8.44 -10.96
CA PHE A 307 -18.11 -8.87 -9.75
C PHE A 307 -19.35 -8.01 -9.87
N VAL A 308 -20.49 -8.51 -9.42
CA VAL A 308 -21.74 -7.75 -9.50
C VAL A 308 -22.64 -8.04 -8.31
N TRP A 309 -23.61 -7.16 -8.12
CA TRP A 309 -24.60 -7.30 -7.06
C TRP A 309 -25.92 -7.43 -7.79
N VAL A 310 -26.33 -8.65 -8.10
CA VAL A 310 -27.59 -8.86 -8.82
C VAL A 310 -28.78 -8.83 -7.87
N LYS A 311 -28.81 -9.72 -6.89
CA LYS A 311 -29.90 -9.72 -5.91
C LYS A 311 -29.58 -8.58 -4.96
N PRO A 312 -30.48 -7.57 -4.85
CA PRO A 312 -30.23 -6.44 -3.94
C PRO A 312 -30.41 -6.79 -2.48
N GLY A 313 -29.32 -6.72 -1.71
CA GLY A 313 -29.36 -7.03 -0.29
C GLY A 313 -30.37 -6.18 0.47
N GLY A 314 -31.24 -6.84 1.22
CA GLY A 314 -32.27 -6.14 1.97
C GLY A 314 -33.63 -6.53 1.44
N GLU A 315 -33.71 -6.78 0.13
CA GLU A 315 -34.95 -7.21 -0.51
C GLU A 315 -35.10 -8.70 -0.24
N CYS A 316 -36.18 -9.05 0.45
CA CYS A 316 -36.48 -10.42 0.85
C CYS A 316 -36.53 -11.45 -0.27
N ASP A 317 -36.23 -12.71 0.07
CA ASP A 317 -36.25 -13.81 -0.90
C ASP A 317 -37.61 -14.49 -0.86
N GLY A 318 -38.28 -14.39 0.28
CA GLY A 318 -39.59 -15.02 0.46
C GLY A 318 -40.07 -14.93 1.89
N THR A 319 -41.39 -14.97 2.08
CA THR A 319 -41.97 -14.83 3.41
C THR A 319 -41.87 -16.07 4.29
N SER A 320 -41.83 -15.85 5.60
CA SER A 320 -41.76 -16.96 6.56
C SER A 320 -43.16 -17.17 7.14
N ASP A 321 -44.13 -16.41 6.64
CA ASP A 321 -45.51 -16.48 7.08
C ASP A 321 -46.17 -17.70 6.43
N SER A 322 -46.35 -18.75 7.23
CA SER A 322 -46.93 -20.00 6.76
C SER A 322 -48.41 -19.94 6.36
N SER A 323 -49.06 -18.81 6.63
CA SER A 323 -50.47 -18.67 6.27
C SER A 323 -50.59 -17.90 4.95
N ALA A 324 -49.47 -17.36 4.49
CA ALA A 324 -49.44 -16.59 3.25
C ALA A 324 -49.53 -17.50 2.04
N PRO A 325 -50.18 -17.03 0.96
CA PRO A 325 -50.27 -17.87 -0.23
C PRO A 325 -48.89 -17.95 -0.88
N ARG A 326 -48.52 -19.14 -1.32
CA ARG A 326 -47.23 -19.34 -1.97
C ARG A 326 -46.06 -19.41 -0.99
N PHE A 327 -46.39 -19.59 0.28
CA PHE A 327 -45.37 -19.71 1.33
C PHE A 327 -44.51 -20.94 1.01
N ASP A 328 -43.20 -20.80 1.14
CA ASP A 328 -42.27 -21.90 0.89
C ASP A 328 -41.60 -22.25 2.21
N SER A 329 -41.70 -23.52 2.61
CA SER A 329 -41.12 -23.95 3.88
C SER A 329 -39.62 -23.69 4.05
N HIS A 330 -38.90 -23.48 2.95
CA HIS A 330 -37.48 -23.20 3.07
C HIS A 330 -37.23 -21.89 3.81
N CYS A 331 -38.23 -21.02 3.80
CA CYS A 331 -38.11 -19.72 4.47
C CYS A 331 -38.44 -19.77 5.95
N ALA A 332 -38.72 -20.97 6.46
CA ALA A 332 -39.05 -21.13 7.86
C ALA A 332 -38.03 -22.06 8.52
N LEU A 333 -36.99 -22.43 7.78
CA LEU A 333 -35.95 -23.30 8.29
C LEU A 333 -35.08 -22.58 9.32
N PRO A 334 -34.42 -23.35 10.21
CA PRO A 334 -33.54 -22.86 11.27
C PRO A 334 -32.41 -21.93 10.80
N ASP A 335 -32.03 -22.05 9.53
CA ASP A 335 -30.96 -21.20 8.99
C ASP A 335 -31.47 -20.05 8.14
N ALA A 336 -32.76 -19.74 8.25
CA ALA A 336 -33.36 -18.64 7.51
C ALA A 336 -33.80 -17.58 8.52
N LEU A 337 -33.43 -16.32 8.28
CA LEU A 337 -33.79 -15.24 9.20
C LEU A 337 -35.29 -14.97 9.15
N GLN A 338 -35.91 -14.93 10.33
CA GLN A 338 -37.35 -14.70 10.44
C GLN A 338 -37.65 -13.72 11.58
N PRO A 339 -38.84 -13.08 11.56
CA PRO A 339 -39.91 -13.21 10.56
C PRO A 339 -39.54 -12.43 9.29
N ALA A 340 -39.86 -12.99 8.13
CA ALA A 340 -39.53 -12.36 6.86
C ALA A 340 -40.79 -12.04 6.03
N PRO A 341 -40.77 -10.89 5.33
CA PRO A 341 -41.90 -10.45 4.50
C PRO A 341 -41.95 -11.14 3.13
N GLN A 342 -42.94 -10.75 2.32
CA GLN A 342 -43.10 -11.31 0.98
C GLN A 342 -41.85 -11.10 0.13
N ALA A 343 -41.62 -12.01 -0.82
CA ALA A 343 -40.46 -11.92 -1.69
C ALA A 343 -40.41 -10.54 -2.34
N GLY A 344 -39.23 -9.94 -2.39
CA GLY A 344 -39.08 -8.62 -2.99
C GLY A 344 -39.28 -7.46 -2.03
N ALA A 345 -40.09 -7.66 -0.99
CA ALA A 345 -40.33 -6.60 -0.01
C ALA A 345 -39.10 -6.35 0.86
N TRP A 346 -38.99 -5.14 1.39
CA TRP A 346 -37.86 -4.78 2.24
C TRP A 346 -37.84 -5.57 3.54
N PHE A 347 -36.68 -6.13 3.84
CA PHE A 347 -36.49 -6.93 5.05
C PHE A 347 -35.40 -6.24 5.87
N GLN A 348 -35.82 -5.28 6.72
CA GLN A 348 -34.89 -4.50 7.52
C GLN A 348 -33.84 -5.29 8.31
N ALA A 349 -34.28 -6.28 9.07
CA ALA A 349 -33.35 -7.09 9.86
C ALA A 349 -32.30 -7.78 9.00
N TYR A 350 -32.64 -8.13 7.77
CA TYR A 350 -31.68 -8.78 6.89
C TYR A 350 -30.71 -7.75 6.36
N PHE A 351 -31.21 -6.55 6.09
CA PHE A 351 -30.34 -5.48 5.59
C PHE A 351 -29.29 -5.18 6.65
N VAL A 352 -29.73 -5.11 7.91
CA VAL A 352 -28.83 -4.82 9.02
C VAL A 352 -27.81 -5.93 9.18
N GLN A 353 -28.24 -7.18 8.98
CA GLN A 353 -27.35 -8.32 9.08
C GLN A 353 -26.28 -8.22 7.99
N LEU A 354 -26.68 -7.86 6.78
CA LEU A 354 -25.74 -7.74 5.67
C LEU A 354 -24.73 -6.63 5.93
N LEU A 355 -25.23 -5.48 6.37
CA LEU A 355 -24.40 -4.32 6.65
C LEU A 355 -23.41 -4.66 7.76
N THR A 356 -23.90 -5.30 8.81
CA THR A 356 -23.09 -5.68 9.94
C THR A 356 -21.98 -6.66 9.60
N ASN A 357 -22.29 -7.63 8.74
CA ASN A 357 -21.31 -8.65 8.35
C ASN A 357 -20.60 -8.38 7.02
N ALA A 358 -20.71 -7.15 6.54
CA ALA A 358 -20.12 -6.77 5.27
C ALA A 358 -18.60 -6.87 5.23
N ASN A 359 -18.09 -7.36 4.10
CA ASN A 359 -16.65 -7.48 3.88
C ASN A 359 -16.39 -7.36 2.37
N PRO A 360 -15.78 -6.26 1.92
CA PRO A 360 -15.32 -5.12 2.73
C PRO A 360 -16.41 -4.41 3.52
N SER A 361 -16.02 -3.94 4.70
CA SER A 361 -16.93 -3.24 5.60
C SER A 361 -17.40 -1.89 5.07
N PHE A 362 -18.56 -1.46 5.56
CA PHE A 362 -19.12 -0.17 5.20
C PHE A 362 -18.88 0.72 6.41
N LEU A 363 -18.81 0.09 7.57
CA LEU A 363 -18.58 0.78 8.83
C LEU A 363 -17.09 1.00 8.98
N THR B 1 37.80 30.06 -4.29
CA THR B 1 36.77 29.85 -5.35
C THR B 1 35.92 28.63 -4.99
N ALA B 2 34.69 28.58 -5.50
CA ALA B 2 33.76 27.50 -5.21
C ALA B 2 34.18 26.10 -5.67
N THR B 3 34.42 25.93 -6.96
CA THR B 3 34.83 24.63 -7.50
C THR B 3 36.22 24.26 -7.00
N TYR B 4 36.61 23.00 -7.14
CA TYR B 4 37.91 22.55 -6.68
C TYR B 4 38.49 21.40 -7.49
N SER B 5 39.79 21.16 -7.27
CA SER B 5 40.53 20.08 -7.90
C SER B 5 41.19 19.32 -6.75
N GLY B 6 40.87 18.03 -6.61
CA GLY B 6 41.47 17.25 -5.54
C GLY B 6 40.81 17.44 -4.18
N ASN B 7 41.62 17.49 -3.13
CA ASN B 7 41.15 17.65 -1.77
C ASN B 7 40.31 18.92 -1.60
N PRO B 8 38.99 18.77 -1.36
CA PRO B 8 38.06 19.90 -1.18
C PRO B 8 38.27 20.77 0.05
N PHE B 9 39.13 20.33 0.96
CA PHE B 9 39.39 21.11 2.18
C PHE B 9 40.54 22.09 2.01
N VAL B 10 41.25 21.99 0.90
CA VAL B 10 42.37 22.89 0.64
C VAL B 10 41.83 24.10 -0.11
N GLY B 11 42.22 25.29 0.33
CA GLY B 11 41.74 26.49 -0.32
C GLY B 11 40.50 27.10 0.31
N VAL B 12 39.98 26.47 1.36
CA VAL B 12 38.81 26.96 2.05
C VAL B 12 38.98 26.82 3.56
N THR B 13 38.06 27.42 4.30
CA THR B 13 38.05 27.34 5.76
C THR B 13 36.67 26.85 6.16
N PRO B 14 36.59 25.71 6.86
CA PRO B 14 35.31 25.17 7.31
C PRO B 14 34.59 26.21 8.16
N TRP B 15 33.31 26.44 7.87
CA TRP B 15 32.53 27.41 8.61
C TRP B 15 32.01 26.87 9.94
N ALA B 16 32.17 27.66 11.00
CA ALA B 16 31.68 27.26 12.32
C ALA B 16 30.30 27.93 12.38
N ASN B 17 29.24 27.13 12.35
CA ASN B 17 27.88 27.66 12.32
C ASN B 17 27.36 28.36 13.59
N ALA B 18 26.37 29.21 13.39
CA ALA B 18 25.75 29.99 14.46
C ALA B 18 24.87 29.14 15.37
N TYR B 19 24.35 28.05 14.81
CA TYR B 19 23.48 27.13 15.55
C TYR B 19 24.23 26.58 16.76
N TYR B 20 25.34 25.91 16.49
CA TYR B 20 26.15 25.32 17.56
C TYR B 20 26.59 26.41 18.52
N ALA B 21 27.10 27.52 17.97
CA ALA B 21 27.57 28.63 18.79
C ALA B 21 26.46 29.06 19.76
N SER B 22 25.22 29.09 19.27
CA SER B 22 24.11 29.47 20.12
C SER B 22 23.96 28.49 21.27
N GLU B 23 23.97 27.20 20.95
CA GLU B 23 23.84 26.16 21.96
C GLU B 23 24.87 26.34 23.07
N VAL B 24 26.13 26.49 22.69
CA VAL B 24 27.21 26.65 23.66
C VAL B 24 27.04 27.93 24.50
N SER B 25 26.88 29.06 23.82
CA SER B 25 26.75 30.34 24.49
C SER B 25 25.50 30.56 25.33
N SER B 26 24.38 29.98 24.90
CA SER B 26 23.13 30.15 25.62
C SER B 26 22.68 28.98 26.49
N LEU B 27 23.19 27.78 26.19
CA LEU B 27 22.81 26.61 26.96
C LEU B 27 23.93 26.04 27.82
N ALA B 28 25.18 26.34 27.46
CA ALA B 28 26.30 25.82 28.23
C ALA B 28 26.92 26.85 29.16
N ILE B 29 27.46 27.92 28.56
CA ILE B 29 28.12 28.97 29.30
C ILE B 29 27.38 29.53 30.52
N PRO B 30 26.06 29.81 30.40
CA PRO B 30 25.34 30.35 31.57
C PRO B 30 25.48 29.44 32.79
N SER B 31 25.78 28.17 32.55
CA SER B 31 25.94 27.20 33.63
C SER B 31 27.41 26.99 34.00
N LEU B 32 28.29 27.78 33.39
CA LEU B 32 29.71 27.67 33.65
C LEU B 32 30.27 29.00 34.13
N THR B 33 31.45 28.95 34.76
CA THR B 33 32.11 30.16 35.25
C THR B 33 33.62 30.00 35.11
N GLY B 34 34.33 31.11 35.25
CA GLY B 34 35.78 31.08 35.16
C GLY B 34 36.36 30.39 33.95
N ALA B 35 37.45 29.66 34.17
CA ALA B 35 38.16 28.95 33.11
C ALA B 35 37.23 28.13 32.22
N MET B 36 36.44 27.25 32.83
CA MET B 36 35.52 26.42 32.07
C MET B 36 34.63 27.28 31.17
N ALA B 37 34.14 28.40 31.70
CA ALA B 37 33.29 29.29 30.92
C ALA B 37 34.04 29.80 29.70
N THR B 38 35.25 30.29 29.93
CA THR B 38 36.08 30.81 28.85
C THR B 38 36.51 29.73 27.87
N ALA B 39 36.84 28.55 28.38
CA ALA B 39 37.26 27.44 27.52
C ALA B 39 36.11 27.05 26.59
N ALA B 40 34.89 27.06 27.13
CA ALA B 40 33.70 26.72 26.37
C ALA B 40 33.49 27.62 25.16
N ALA B 41 33.56 28.93 25.39
CA ALA B 41 33.38 29.90 24.31
C ALA B 41 34.26 29.58 23.11
N ALA B 42 35.48 29.11 23.38
CA ALA B 42 36.42 28.77 22.32
C ALA B 42 35.96 27.57 21.51
N VAL B 43 35.30 26.62 22.17
CA VAL B 43 34.82 25.44 21.48
C VAL B 43 33.84 25.84 20.37
N ALA B 44 33.02 26.85 20.65
CA ALA B 44 32.04 27.32 19.68
C ALA B 44 32.68 27.82 18.38
N LYS B 45 33.99 28.06 18.42
CA LYS B 45 34.72 28.55 17.24
C LYS B 45 35.28 27.43 16.36
N VAL B 46 35.19 26.19 16.84
CA VAL B 46 35.68 25.05 16.08
C VAL B 46 34.60 24.57 15.12
N PRO B 47 34.88 24.55 13.81
CA PRO B 47 33.92 24.12 12.80
C PRO B 47 33.44 22.67 12.93
N SER B 48 32.12 22.51 12.94
CA SER B 48 31.51 21.19 13.03
C SER B 48 30.46 21.08 11.93
N PHE B 49 29.99 19.88 11.67
CA PHE B 49 28.97 19.67 10.63
C PHE B 49 27.57 19.93 11.16
N MET B 50 26.70 20.47 10.31
CA MET B 50 25.31 20.72 10.68
C MET B 50 24.49 19.59 10.09
N TRP B 51 23.80 18.84 10.96
CA TRP B 51 23.01 17.71 10.51
C TRP B 51 21.63 18.14 10.00
N LEU B 52 21.28 17.64 8.82
CA LEU B 52 19.99 17.94 8.22
C LEU B 52 19.12 16.71 8.45
N ASP B 53 18.88 16.40 9.73
CA ASP B 53 18.10 15.23 10.13
C ASP B 53 16.60 15.27 9.84
N THR B 54 16.10 16.38 9.34
CA THR B 54 14.69 16.49 8.99
C THR B 54 14.58 17.49 7.87
N LEU B 55 13.49 17.43 7.12
CA LEU B 55 13.30 18.37 6.02
C LEU B 55 13.21 19.78 6.58
N ASP B 56 12.71 19.91 7.82
CA ASP B 56 12.57 21.20 8.48
C ASP B 56 13.91 21.87 8.72
N LYS B 57 15.00 21.12 8.55
CA LYS B 57 16.33 21.68 8.76
C LYS B 57 16.88 22.38 7.52
N THR B 58 16.21 22.22 6.37
CA THR B 58 16.71 22.86 5.16
C THR B 58 16.75 24.38 5.25
N PRO B 59 15.77 25.00 5.94
CA PRO B 59 15.80 26.46 6.04
C PRO B 59 17.06 26.90 6.79
N LEU B 60 17.51 26.08 7.73
CA LEU B 60 18.71 26.38 8.51
C LEU B 60 19.95 26.28 7.64
N MET B 61 19.94 25.32 6.71
CA MET B 61 21.06 25.15 5.81
C MET B 61 21.20 26.43 4.97
N GLU B 62 20.08 26.94 4.49
CA GLU B 62 20.07 28.17 3.70
C GLU B 62 20.67 29.31 4.51
N GLN B 63 20.08 29.53 5.68
CA GLN B 63 20.51 30.58 6.60
C GLN B 63 22.00 30.51 6.87
N THR B 64 22.53 29.30 6.97
CA THR B 64 23.96 29.09 7.21
C THR B 64 24.75 29.51 5.98
N LEU B 65 24.28 29.06 4.82
CA LEU B 65 24.95 29.39 3.56
C LEU B 65 24.87 30.90 3.29
N ALA B 66 23.77 31.54 3.71
CA ALA B 66 23.64 32.97 3.52
C ALA B 66 24.74 33.63 4.35
N ASP B 67 24.87 33.20 5.60
CA ASP B 67 25.90 33.73 6.50
C ASP B 67 27.28 33.58 5.88
N ILE B 68 27.52 32.45 5.22
CA ILE B 68 28.81 32.20 4.59
C ILE B 68 29.02 33.08 3.36
N ARG B 69 27.97 33.24 2.55
CA ARG B 69 28.08 34.07 1.35
C ARG B 69 28.52 35.46 1.78
N THR B 70 27.83 35.99 2.78
CA THR B 70 28.13 37.31 3.32
C THR B 70 29.55 37.38 3.85
N ALA B 71 29.93 36.41 4.66
CA ALA B 71 31.28 36.37 5.22
C ALA B 71 32.34 36.38 4.13
N ASN B 72 32.04 35.70 3.01
CA ASN B 72 32.99 35.63 1.91
C ASN B 72 33.07 36.93 1.12
N LYS B 73 32.06 37.78 1.22
CA LYS B 73 32.06 39.06 0.52
C LYS B 73 33.15 39.94 1.10
N ASN B 74 33.17 40.05 2.43
CA ASN B 74 34.13 40.89 3.12
C ASN B 74 35.42 40.19 3.54
N GLY B 75 36.10 39.54 2.60
CA GLY B 75 37.35 38.87 2.91
C GLY B 75 37.29 37.41 3.29
N GLY B 76 36.16 36.94 3.80
CA GLY B 76 36.04 35.55 4.18
C GLY B 76 36.11 34.58 3.01
N ASN B 77 36.48 33.34 3.30
CA ASN B 77 36.59 32.29 2.30
C ASN B 77 36.22 30.98 2.99
N TYR B 78 34.98 30.91 3.42
CA TYR B 78 34.46 29.76 4.14
C TYR B 78 33.65 28.78 3.30
N ALA B 79 33.58 27.54 3.80
CA ALA B 79 32.84 26.46 3.14
C ALA B 79 31.80 25.90 4.10
N GLY B 80 30.69 25.40 3.56
CA GLY B 80 29.64 24.85 4.41
C GLY B 80 29.87 23.37 4.68
N GLN B 81 29.42 22.91 5.85
CA GLN B 81 29.56 21.50 6.23
C GLN B 81 28.21 20.96 6.70
N PHE B 82 27.67 19.98 5.99
CA PHE B 82 26.37 19.42 6.34
C PHE B 82 26.32 17.90 6.26
N VAL B 83 25.40 17.32 7.02
CA VAL B 83 25.21 15.88 7.00
C VAL B 83 23.83 15.60 6.44
N VAL B 84 23.76 14.74 5.44
CA VAL B 84 22.50 14.36 4.82
C VAL B 84 22.09 13.14 5.62
N TYR B 85 21.00 13.26 6.39
CA TYR B 85 20.57 12.17 7.26
C TYR B 85 19.06 12.06 7.44
N ASP B 86 18.35 11.55 6.43
CA ASP B 86 16.90 11.42 6.53
C ASP B 86 16.31 10.25 5.74
N LEU B 87 17.09 9.18 5.57
CA LEU B 87 16.63 7.99 4.86
C LEU B 87 15.36 7.41 5.46
N PRO B 88 14.48 6.84 4.62
CA PRO B 88 13.24 6.24 5.12
C PRO B 88 13.62 5.00 5.91
N ASP B 89 12.93 4.73 7.02
CA ASP B 89 13.27 3.59 7.87
C ASP B 89 14.72 3.76 8.29
N ARG B 90 15.06 4.96 8.70
CA ARG B 90 16.40 5.33 9.13
C ARG B 90 16.84 4.52 10.35
N ASP B 91 18.14 4.25 10.45
CA ASP B 91 18.69 3.50 11.58
C ASP B 91 17.96 2.16 11.74
N CYS B 92 17.93 1.38 10.66
CA CYS B 92 17.24 0.09 10.65
C CYS B 92 17.59 -0.90 11.76
N ALA B 93 18.82 -0.86 12.26
CA ALA B 93 19.21 -1.80 13.31
C ALA B 93 18.98 -1.32 14.73
N ALA B 94 18.66 -0.03 14.89
CA ALA B 94 18.44 0.55 16.22
C ALA B 94 17.12 0.18 16.88
N LEU B 95 17.10 0.28 18.20
CA LEU B 95 15.92 -0.03 19.01
C LEU B 95 14.92 1.11 18.88
N ALA B 96 15.43 2.28 18.48
CA ALA B 96 14.60 3.45 18.32
C ALA B 96 15.24 4.39 17.30
N SER B 97 14.41 5.05 16.50
CA SER B 97 14.89 5.99 15.51
C SER B 97 13.95 7.18 15.48
N ASN B 98 14.49 8.34 15.13
CA ASN B 98 13.68 9.55 15.05
C ASN B 98 13.38 9.86 13.60
N GLY B 99 13.79 8.97 12.71
CA GLY B 99 13.56 9.16 11.28
C GLY B 99 12.12 9.54 11.03
N GLU B 100 11.90 10.60 10.28
CA GLU B 100 10.55 11.07 9.99
C GLU B 100 9.85 10.37 8.84
N TYR B 101 10.61 9.70 7.98
CA TYR B 101 10.03 9.00 6.85
C TYR B 101 10.00 7.49 7.01
N SER B 102 8.95 6.88 6.50
CA SER B 102 8.75 5.44 6.59
C SER B 102 8.60 4.85 5.19
N ILE B 103 9.32 3.77 4.91
CA ILE B 103 9.26 3.14 3.60
C ILE B 103 7.83 2.73 3.23
N ALA B 104 7.14 2.10 4.18
CA ALA B 104 5.78 1.64 3.97
C ALA B 104 4.79 2.79 3.78
N ASP B 105 5.20 4.00 4.12
CA ASP B 105 4.30 5.15 4.00
C ASP B 105 4.85 6.21 3.05
N GLY B 106 5.10 5.81 1.80
CA GLY B 106 5.61 6.71 0.79
C GLY B 106 6.97 7.28 1.15
N GLY B 107 7.71 6.57 2.00
CA GLY B 107 9.02 7.03 2.45
C GLY B 107 10.08 7.31 1.40
N VAL B 108 10.20 6.44 0.42
CA VAL B 108 11.21 6.64 -0.63
C VAL B 108 10.93 7.89 -1.45
N ALA B 109 9.66 8.12 -1.78
CA ALA B 109 9.28 9.30 -2.56
C ALA B 109 9.54 10.57 -1.75
N LYS B 110 9.34 10.50 -0.43
CA LYS B 110 9.57 11.65 0.42
C LYS B 110 11.05 11.94 0.57
N TYR B 111 11.88 10.89 0.63
CA TYR B 111 13.32 11.10 0.73
C TYR B 111 13.81 11.81 -0.52
N LYS B 112 13.30 11.40 -1.68
CA LYS B 112 13.71 12.02 -2.93
C LYS B 112 13.35 13.51 -2.96
N ASN B 113 12.22 13.86 -2.35
CA ASN B 113 11.82 15.27 -2.30
C ASN B 113 12.79 16.01 -1.39
N TYR B 114 13.20 15.33 -0.32
CA TYR B 114 14.15 15.86 0.66
C TYR B 114 15.45 16.21 -0.06
N ILE B 115 15.91 15.28 -0.91
CA ILE B 115 17.14 15.48 -1.68
C ILE B 115 16.96 16.61 -2.68
N ASP B 116 15.81 16.65 -3.35
CA ASP B 116 15.53 17.70 -4.31
C ASP B 116 15.62 19.05 -3.62
N THR B 117 15.12 19.11 -2.40
CA THR B 117 15.15 20.35 -1.61
C THR B 117 16.58 20.80 -1.32
N ILE B 118 17.45 19.85 -1.00
CA ILE B 118 18.84 20.18 -0.71
C ILE B 118 19.54 20.61 -1.99
N ARG B 119 19.25 19.90 -3.07
CA ARG B 119 19.84 20.20 -4.36
C ARG B 119 19.55 21.64 -4.79
N GLN B 120 18.30 22.05 -4.67
CA GLN B 120 17.90 23.40 -5.06
C GLN B 120 18.68 24.46 -4.29
N ILE B 121 18.95 24.17 -3.01
CA ILE B 121 19.69 25.08 -2.16
C ILE B 121 21.16 25.13 -2.59
N VAL B 122 21.75 23.98 -2.86
CA VAL B 122 23.14 23.93 -3.28
C VAL B 122 23.30 24.59 -4.65
N VAL B 123 22.24 24.56 -5.45
CA VAL B 123 22.27 25.19 -6.76
C VAL B 123 22.29 26.70 -6.60
N GLU B 124 21.47 27.20 -5.68
CA GLU B 124 21.40 28.64 -5.41
C GLU B 124 22.76 29.14 -4.91
N TYR B 125 23.34 28.41 -3.97
CA TYR B 125 24.63 28.78 -3.41
C TYR B 125 25.76 28.03 -4.10
N SER B 126 25.77 28.11 -5.42
CA SER B 126 26.78 27.45 -6.24
C SER B 126 28.13 28.12 -6.04
N ASP B 127 28.09 29.29 -5.42
CA ASP B 127 29.30 30.08 -5.16
C ASP B 127 29.99 29.66 -3.86
N ILE B 128 29.41 28.69 -3.16
CA ILE B 128 29.98 28.23 -1.90
C ILE B 128 30.33 26.75 -1.90
N ARG B 129 31.58 26.44 -1.58
CA ARG B 129 32.00 25.04 -1.54
C ARG B 129 31.20 24.39 -0.41
N THR B 130 30.59 23.25 -0.70
CA THR B 130 29.76 22.56 0.27
C THR B 130 30.23 21.13 0.47
N LEU B 131 30.68 20.84 1.70
CA LEU B 131 31.19 19.53 2.06
C LEU B 131 30.09 18.73 2.75
N LEU B 132 29.76 17.56 2.19
CA LEU B 132 28.68 16.73 2.73
C LEU B 132 29.05 15.32 3.17
N VAL B 133 28.46 14.87 4.26
CA VAL B 133 28.64 13.52 4.77
C VAL B 133 27.30 12.87 4.44
N ILE B 134 27.33 11.81 3.65
CA ILE B 134 26.10 11.14 3.24
C ILE B 134 25.64 9.96 4.10
N GLU B 135 24.45 10.13 4.66
CA GLU B 135 23.75 9.15 5.48
C GLU B 135 24.48 8.25 6.48
N PRO B 136 24.84 8.80 7.64
CA PRO B 136 25.54 7.99 8.65
C PRO B 136 24.56 6.90 9.11
N ASP B 137 25.09 5.78 9.58
CA ASP B 137 24.29 4.69 10.10
C ASP B 137 23.31 4.08 9.10
N SER B 138 23.73 3.94 7.85
CA SER B 138 22.86 3.35 6.83
C SER B 138 23.53 2.17 6.13
N LEU B 139 24.45 2.46 5.22
CA LEU B 139 25.15 1.42 4.47
C LEU B 139 25.92 0.44 5.33
N ALA B 140 26.45 0.90 6.46
CA ALA B 140 27.21 0.01 7.33
C ALA B 140 26.32 -1.13 7.84
N ASN B 141 25.04 -0.85 8.01
CA ASN B 141 24.08 -1.85 8.48
C ASN B 141 23.84 -2.96 7.45
N LEU B 142 23.95 -2.62 6.18
CA LEU B 142 23.74 -3.60 5.12
C LEU B 142 24.92 -4.56 5.04
N VAL B 143 26.04 -4.19 5.66
CA VAL B 143 27.22 -5.05 5.65
C VAL B 143 27.19 -6.07 6.78
N THR B 144 26.66 -5.69 7.93
CA THR B 144 26.65 -6.59 9.08
C THR B 144 25.31 -6.84 9.75
N ASN B 145 24.29 -6.03 9.41
CA ASN B 145 23.00 -6.19 10.07
C ASN B 145 21.82 -6.65 9.23
N LEU B 146 22.07 -7.29 8.10
CA LEU B 146 20.98 -7.77 7.27
C LEU B 146 20.22 -8.83 8.05
N GLY B 147 20.80 -9.26 9.17
CA GLY B 147 20.18 -10.26 10.02
C GLY B 147 19.02 -9.65 10.79
N THR B 148 18.93 -8.33 10.79
CA THR B 148 17.85 -7.63 11.45
C THR B 148 16.81 -7.37 10.36
N PRO B 149 15.61 -7.94 10.52
CA PRO B 149 14.55 -7.77 9.52
C PRO B 149 14.32 -6.35 8.99
N LYS B 150 14.30 -5.36 9.88
CA LYS B 150 14.07 -4.00 9.42
C LYS B 150 15.16 -3.56 8.44
N CYS B 151 16.38 -4.04 8.63
CA CYS B 151 17.47 -3.69 7.72
C CYS B 151 17.36 -4.45 6.40
N ALA B 152 17.06 -5.74 6.48
CA ALA B 152 16.91 -6.56 5.30
C ALA B 152 15.79 -5.99 4.42
N ASN B 153 14.68 -5.65 5.06
CA ASN B 153 13.53 -5.09 4.35
C ASN B 153 13.78 -3.68 3.79
N ALA B 154 14.75 -2.98 4.34
CA ALA B 154 15.04 -1.61 3.89
C ALA B 154 16.23 -1.49 2.94
N GLN B 155 16.90 -2.61 2.64
CA GLN B 155 18.05 -2.57 1.77
C GLN B 155 17.80 -1.88 0.43
N SER B 156 16.77 -2.32 -0.29
CA SER B 156 16.45 -1.72 -1.59
C SER B 156 16.24 -0.22 -1.49
N ALA B 157 15.45 0.20 -0.51
CA ALA B 157 15.16 1.61 -0.31
C ALA B 157 16.46 2.37 -0.01
N TYR B 158 17.28 1.83 0.88
CA TYR B 158 18.55 2.48 1.21
C TYR B 158 19.40 2.70 -0.05
N LEU B 159 19.58 1.64 -0.81
CA LEU B 159 20.38 1.71 -2.03
C LEU B 159 19.77 2.64 -3.07
N GLU B 160 18.45 2.60 -3.23
CA GLU B 160 17.80 3.46 -4.22
C GLU B 160 17.93 4.92 -3.80
N CYS B 161 17.67 5.19 -2.53
CA CYS B 161 17.75 6.56 -2.00
C CYS B 161 19.16 7.13 -2.03
N ILE B 162 20.13 6.33 -1.61
CA ILE B 162 21.50 6.78 -1.57
C ILE B 162 22.00 7.05 -2.98
N ASN B 163 21.51 6.29 -3.95
CA ASN B 163 21.91 6.51 -5.33
C ASN B 163 21.34 7.84 -5.80
N TYR B 164 20.12 8.13 -5.38
CA TYR B 164 19.45 9.37 -5.75
C TYR B 164 20.21 10.57 -5.19
N ALA B 165 20.55 10.49 -3.91
CA ALA B 165 21.28 11.58 -3.26
C ALA B 165 22.64 11.86 -3.89
N VAL B 166 23.41 10.80 -4.10
CA VAL B 166 24.75 10.95 -4.67
C VAL B 166 24.77 11.48 -6.11
N THR B 167 23.70 11.23 -6.86
CA THR B 167 23.64 11.73 -8.23
C THR B 167 23.06 13.13 -8.29
N GLN B 168 22.00 13.37 -7.52
CA GLN B 168 21.34 14.69 -7.49
C GLN B 168 22.20 15.77 -6.82
N LEU B 169 23.08 15.39 -5.90
CA LEU B 169 23.92 16.37 -5.24
C LEU B 169 25.29 16.44 -5.91
N ASN B 170 25.42 15.73 -7.03
CA ASN B 170 26.66 15.72 -7.79
C ASN B 170 26.79 17.03 -8.55
N LEU B 171 27.26 18.06 -7.84
CA LEU B 171 27.42 19.39 -8.41
C LEU B 171 28.86 19.87 -8.24
N PRO B 172 29.28 20.83 -9.08
CA PRO B 172 30.62 21.46 -9.13
C PRO B 172 31.16 22.01 -7.81
N ASN B 173 30.28 22.52 -6.96
CA ASN B 173 30.69 23.10 -5.69
C ASN B 173 30.54 22.11 -4.55
N VAL B 174 30.27 20.86 -4.87
CA VAL B 174 30.07 19.84 -3.84
C VAL B 174 31.12 18.73 -3.74
N ALA B 175 31.35 18.29 -2.51
CA ALA B 175 32.25 17.20 -2.20
C ALA B 175 31.49 16.32 -1.22
N MET B 176 31.22 15.07 -1.58
CA MET B 176 30.50 14.18 -0.70
C MET B 176 31.35 13.05 -0.18
N TYR B 177 31.07 12.63 1.05
CA TYR B 177 31.77 11.53 1.68
C TYR B 177 30.71 10.58 2.23
N LEU B 178 30.66 9.39 1.66
CA LEU B 178 29.71 8.36 2.06
C LEU B 178 30.08 7.84 3.43
N ASP B 179 29.13 7.79 4.36
CA ASP B 179 29.46 7.27 5.67
C ASP B 179 29.88 5.82 5.52
N ALA B 180 30.97 5.44 6.18
CA ALA B 180 31.48 4.08 6.12
C ALA B 180 31.76 3.53 7.52
N GLY B 181 30.85 3.77 8.46
CA GLY B 181 31.03 3.27 9.82
C GLY B 181 32.39 3.64 10.39
N HIS B 182 33.00 2.70 11.10
CA HIS B 182 34.30 2.92 11.73
C HIS B 182 35.06 1.61 11.88
N ALA B 183 36.28 1.70 12.41
CA ALA B 183 37.15 0.54 12.60
C ALA B 183 36.52 -0.63 13.35
N GLY B 184 35.77 -0.33 14.41
CA GLY B 184 35.16 -1.40 15.19
C GLY B 184 33.95 -2.03 14.56
N TRP B 185 33.47 -1.44 13.47
CA TRP B 185 32.31 -1.96 12.76
C TRP B 185 32.70 -2.71 11.50
N LEU B 186 33.32 -2.00 10.57
CA LEU B 186 33.73 -2.60 9.29
C LEU B 186 35.23 -2.87 9.19
N GLY B 187 35.95 -2.65 10.28
CA GLY B 187 37.39 -2.88 10.28
C GLY B 187 37.78 -4.34 10.42
N TRP B 188 36.92 -5.13 11.04
CA TRP B 188 37.22 -6.55 11.20
C TRP B 188 37.50 -7.11 9.82
N PRO B 189 38.47 -8.05 9.72
CA PRO B 189 38.86 -8.69 8.46
C PRO B 189 37.70 -9.09 7.58
N ALA B 190 36.80 -9.90 8.15
CA ALA B 190 35.63 -10.40 7.44
C ALA B 190 34.72 -9.33 6.84
N ASN B 191 34.74 -8.13 7.40
CA ASN B 191 33.88 -7.04 6.92
C ASN B 191 34.52 -6.12 5.89
N GLN B 192 35.84 -6.11 5.83
CA GLN B 192 36.57 -5.24 4.92
C GLN B 192 36.16 -5.34 3.46
N ASP B 193 36.23 -6.54 2.89
CA ASP B 193 35.86 -6.69 1.48
C ASP B 193 34.39 -6.39 1.19
N PRO B 194 33.45 -7.00 1.93
CA PRO B 194 32.03 -6.73 1.67
C PRO B 194 31.73 -5.23 1.68
N ALA B 195 32.28 -4.53 2.67
CA ALA B 195 32.07 -3.08 2.80
C ALA B 195 32.62 -2.36 1.57
N ALA B 196 33.88 -2.62 1.24
CA ALA B 196 34.52 -1.98 0.08
C ALA B 196 33.73 -2.26 -1.19
N GLN B 197 33.27 -3.49 -1.35
CA GLN B 197 32.51 -3.90 -2.52
C GLN B 197 31.21 -3.10 -2.60
N LEU B 198 30.58 -2.90 -1.45
CA LEU B 198 29.33 -2.14 -1.40
C LEU B 198 29.55 -0.67 -1.76
N PHE B 199 30.52 -0.03 -1.13
CA PHE B 199 30.77 1.37 -1.41
C PHE B 199 31.17 1.59 -2.87
N ALA B 200 32.03 0.71 -3.40
CA ALA B 200 32.45 0.81 -4.78
C ALA B 200 31.26 0.67 -5.72
N ASN B 201 30.35 -0.25 -5.41
CA ASN B 201 29.16 -0.46 -6.24
C ASN B 201 28.27 0.78 -6.22
N VAL B 202 28.18 1.43 -5.07
CA VAL B 202 27.37 2.64 -4.95
C VAL B 202 27.96 3.69 -5.89
N TYR B 203 29.28 3.80 -5.85
CA TYR B 203 30.03 4.74 -6.69
C TYR B 203 29.76 4.44 -8.17
N LYS B 204 30.13 3.24 -8.60
CA LYS B 204 29.94 2.82 -9.98
C LYS B 204 28.49 2.92 -10.45
N ASN B 205 27.57 2.49 -9.59
CA ASN B 205 26.15 2.51 -9.91
C ASN B 205 25.62 3.92 -10.18
N ALA B 206 26.26 4.93 -9.59
CA ALA B 206 25.83 6.30 -9.77
C ALA B 206 26.69 7.01 -10.83
N SER B 207 27.26 6.21 -11.73
CA SER B 207 28.10 6.73 -12.82
C SER B 207 29.38 7.42 -12.35
N SER B 208 29.98 6.91 -11.28
CA SER B 208 31.22 7.47 -10.75
C SER B 208 31.12 8.99 -10.64
N PRO B 209 30.31 9.47 -9.68
CA PRO B 209 30.13 10.92 -9.48
C PRO B 209 31.46 11.63 -9.23
N ARG B 210 31.65 12.77 -9.90
CA ARG B 210 32.89 13.54 -9.72
C ARG B 210 32.90 14.12 -8.31
N ALA B 211 31.73 14.49 -7.81
CA ALA B 211 31.58 15.09 -6.49
C ALA B 211 31.72 14.08 -5.34
N LEU B 212 31.57 12.79 -5.64
CA LEU B 212 31.71 11.78 -4.59
C LEU B 212 33.19 11.49 -4.36
N ARG B 213 33.79 12.29 -3.48
CA ARG B 213 35.20 12.19 -3.15
C ARG B 213 35.64 10.93 -2.40
N GLY B 214 34.78 10.40 -1.54
CA GLY B 214 35.18 9.21 -0.82
C GLY B 214 34.29 8.82 0.34
N LEU B 215 34.90 8.39 1.43
CA LEU B 215 34.16 7.95 2.59
C LEU B 215 34.44 8.76 3.85
N ALA B 216 33.48 8.72 4.77
CA ALA B 216 33.62 9.41 6.04
C ALA B 216 33.56 8.30 7.08
N THR B 217 34.48 8.33 8.06
CA THR B 217 34.50 7.30 9.09
C THR B 217 34.39 7.86 10.50
N ASN B 218 34.04 6.99 11.44
CA ASN B 218 33.92 7.36 12.85
C ASN B 218 32.90 8.45 13.15
N VAL B 219 31.99 8.70 12.20
CA VAL B 219 30.97 9.72 12.38
C VAL B 219 30.14 9.45 13.64
N ALA B 220 30.14 10.42 14.55
CA ALA B 220 29.39 10.30 15.79
C ALA B 220 29.96 9.20 16.69
N ASN B 221 31.17 8.75 16.40
CA ASN B 221 31.76 7.71 17.24
C ASN B 221 32.98 8.23 17.99
N TYR B 222 33.73 7.33 18.61
CA TYR B 222 34.86 7.76 19.44
C TYR B 222 36.25 7.16 19.21
N ASN B 223 36.43 6.37 18.15
CA ASN B 223 37.72 5.75 17.89
C ASN B 223 38.89 6.73 17.75
N GLY B 224 40.08 6.26 18.10
CA GLY B 224 41.26 7.10 17.98
C GLY B 224 41.65 7.14 16.51
N TRP B 225 42.32 8.21 16.10
CA TRP B 225 42.77 8.33 14.72
C TRP B 225 44.00 7.44 14.51
N ASN B 226 45.08 7.76 15.20
CA ASN B 226 46.33 7.02 15.07
C ASN B 226 46.93 6.58 16.40
N ILE B 227 46.09 6.22 17.38
CA ILE B 227 46.60 5.77 18.67
C ILE B 227 47.57 4.60 18.49
N THR B 228 48.62 4.59 19.29
CA THR B 228 49.67 3.57 19.19
C THR B 228 49.48 2.22 19.87
N SER B 229 48.46 2.09 20.70
CA SER B 229 48.18 0.83 21.40
C SER B 229 46.70 0.52 21.34
N PRO B 230 46.35 -0.77 21.15
CA PRO B 230 44.97 -1.23 21.07
C PRO B 230 44.21 -1.20 22.39
N PRO B 231 43.12 -0.42 22.46
CA PRO B 231 42.35 -0.37 23.71
C PRO B 231 41.82 -1.77 24.03
N SER B 232 41.59 -2.05 25.31
CA SER B 232 41.09 -3.37 25.71
C SER B 232 39.87 -3.81 24.92
N TYR B 233 38.89 -2.92 24.76
CA TYR B 233 37.66 -3.26 24.06
C TYR B 233 37.79 -3.54 22.57
N THR B 234 38.99 -3.38 22.01
CA THR B 234 39.19 -3.64 20.58
C THR B 234 39.86 -4.99 20.34
N GLN B 235 40.19 -5.69 21.43
CA GLN B 235 40.86 -6.98 21.33
C GLN B 235 40.23 -7.91 20.32
N GLY B 236 41.09 -8.56 19.53
CA GLY B 236 40.63 -9.48 18.52
C GLY B 236 40.59 -8.84 17.15
N ASN B 237 40.78 -7.53 17.09
CA ASN B 237 40.75 -6.82 15.82
C ASN B 237 42.02 -5.99 15.62
N ALA B 238 42.82 -6.38 14.62
CA ALA B 238 44.07 -5.68 14.33
C ALA B 238 43.83 -4.23 13.91
N VAL B 239 42.67 -3.97 13.32
CA VAL B 239 42.33 -2.61 12.91
C VAL B 239 41.62 -1.98 14.11
N TYR B 240 42.40 -1.40 15.02
CA TYR B 240 41.85 -0.80 16.24
C TYR B 240 41.76 0.72 16.27
N ASN B 241 42.06 1.37 15.15
CA ASN B 241 41.94 2.82 15.05
C ASN B 241 41.50 3.19 13.63
N GLU B 242 41.19 4.45 13.42
CA GLU B 242 40.70 4.88 12.12
C GLU B 242 41.75 4.93 11.00
N LYS B 243 42.98 5.25 11.35
CA LYS B 243 44.04 5.29 10.33
C LYS B 243 44.20 3.91 9.72
N LEU B 244 44.27 2.89 10.57
CA LEU B 244 44.41 1.50 10.11
C LEU B 244 43.23 1.10 9.25
N TYR B 245 42.04 1.56 9.65
CA TYR B 245 40.82 1.24 8.92
C TYR B 245 40.81 1.79 7.50
N ILE B 246 41.09 3.09 7.32
CA ILE B 246 41.05 3.65 5.97
C ILE B 246 42.18 3.12 5.08
N HIS B 247 43.34 2.87 5.66
CA HIS B 247 44.45 2.35 4.88
C HIS B 247 44.23 0.89 4.51
N ALA B 248 43.25 0.26 5.15
CA ALA B 248 42.94 -1.12 4.87
C ALA B 248 41.83 -1.23 3.81
N ILE B 249 40.84 -0.36 3.90
CA ILE B 249 39.73 -0.41 2.95
C ILE B 249 40.02 0.36 1.66
N GLY B 250 40.92 1.34 1.74
CA GLY B 250 41.27 2.14 0.58
C GLY B 250 41.66 1.30 -0.62
N PRO B 251 42.68 0.44 -0.48
CA PRO B 251 43.14 -0.42 -1.57
C PRO B 251 42.00 -1.29 -2.11
N LEU B 252 41.13 -1.73 -1.20
CA LEU B 252 40.00 -2.57 -1.56
C LEU B 252 39.02 -1.83 -2.47
N LEU B 253 38.82 -0.55 -2.20
CA LEU B 253 37.91 0.26 -3.01
C LEU B 253 38.48 0.31 -4.42
N ALA B 254 39.78 0.54 -4.52
CA ALA B 254 40.47 0.60 -5.80
C ALA B 254 40.30 -0.74 -6.52
N ASN B 255 40.40 -1.84 -5.78
CA ASN B 255 40.25 -3.16 -6.38
C ASN B 255 38.83 -3.36 -6.94
N HIS B 256 37.85 -2.73 -6.31
CA HIS B 256 36.46 -2.87 -6.75
C HIS B 256 35.93 -1.82 -7.70
N GLY B 257 36.83 -1.12 -8.39
CA GLY B 257 36.39 -0.13 -9.34
C GLY B 257 36.32 1.32 -8.88
N TRP B 258 36.65 1.59 -7.62
CA TRP B 258 36.61 2.96 -7.13
C TRP B 258 38.03 3.43 -6.81
N SER B 259 38.69 3.99 -7.80
CA SER B 259 40.05 4.49 -7.61
C SER B 259 40.04 5.93 -7.15
N ASN B 260 41.10 6.32 -6.44
CA ASN B 260 41.25 7.67 -5.94
C ASN B 260 40.17 8.10 -4.95
N ALA B 261 39.80 7.18 -4.06
CA ALA B 261 38.80 7.49 -3.04
C ALA B 261 39.57 8.03 -1.83
N PHE B 262 39.11 9.13 -1.27
CA PHE B 262 39.76 9.72 -0.11
C PHE B 262 38.84 9.66 1.11
N PHE B 263 39.33 10.07 2.27
CA PHE B 263 38.52 9.98 3.49
C PHE B 263 38.57 11.20 4.41
N ILE B 264 37.58 11.27 5.29
CA ILE B 264 37.54 12.30 6.32
C ILE B 264 37.16 11.49 7.55
N THR B 265 37.67 11.86 8.71
CA THR B 265 37.35 11.11 9.91
C THR B 265 36.99 12.00 11.08
N ASP B 266 35.86 11.67 11.70
CA ASP B 266 35.34 12.40 12.86
C ASP B 266 36.26 12.16 14.06
N GLN B 267 36.65 13.24 14.73
CA GLN B 267 37.50 13.15 15.92
C GLN B 267 36.95 14.07 17.01
N GLY B 268 35.72 14.53 16.81
CA GLY B 268 35.07 15.42 17.76
C GLY B 268 34.93 14.93 19.19
N ARG B 269 34.98 13.61 19.38
CA ARG B 269 34.86 13.03 20.71
C ARG B 269 35.88 11.90 20.90
N SER B 270 37.02 12.04 20.23
CA SER B 270 38.08 11.04 20.29
C SER B 270 39.29 11.46 21.11
N GLY B 271 39.26 12.67 21.67
CA GLY B 271 40.37 13.20 22.44
C GLY B 271 40.97 12.35 23.55
N LYS B 272 40.13 11.64 24.30
CA LYS B 272 40.62 10.80 25.38
C LYS B 272 40.65 9.34 24.93
N GLN B 273 41.84 8.75 24.96
CA GLN B 273 42.02 7.36 24.54
C GLN B 273 42.86 6.59 25.56
N PRO B 274 42.39 5.41 25.98
CA PRO B 274 41.15 4.79 25.55
C PRO B 274 39.92 5.50 26.13
N THR B 275 38.75 5.25 25.54
CA THR B 275 37.52 5.87 26.01
C THR B 275 37.03 5.09 27.23
N GLY B 276 35.80 5.38 27.65
CA GLY B 276 35.22 4.71 28.80
C GLY B 276 34.30 3.58 28.37
N GLN B 277 34.41 3.16 27.11
CA GLN B 277 33.59 2.08 26.57
C GLN B 277 33.91 0.73 27.24
N GLN B 278 32.85 -0.01 27.59
CA GLN B 278 33.00 -1.32 28.20
C GLN B 278 33.01 -2.32 27.04
N GLN B 279 32.24 -2.00 26.01
CA GLN B 279 32.14 -2.81 24.80
C GLN B 279 32.32 -1.87 23.60
N TRP B 280 33.11 -2.30 22.62
CA TRP B 280 33.38 -1.50 21.43
C TRP B 280 32.09 -1.11 20.70
N GLY B 281 31.04 -1.90 20.91
CA GLY B 281 29.77 -1.63 20.26
C GLY B 281 28.91 -0.56 20.90
N ASP B 282 29.27 -0.13 22.11
CA ASP B 282 28.50 0.91 22.80
C ASP B 282 28.73 2.25 22.12
N TRP B 283 27.64 2.86 21.66
CA TRP B 283 27.69 4.11 20.91
C TRP B 283 26.98 5.32 21.54
N CYS B 284 26.09 5.08 22.50
CA CYS B 284 25.33 6.18 23.09
C CYS B 284 25.94 6.96 24.25
N ASN B 285 26.20 8.25 24.01
CA ASN B 285 26.76 9.14 25.02
C ASN B 285 27.83 8.45 25.88
N VAL B 286 28.82 7.87 25.21
CA VAL B 286 29.90 7.17 25.89
C VAL B 286 30.63 8.05 26.90
N ILE B 287 30.89 7.49 28.08
CA ILE B 287 31.58 8.21 29.15
C ILE B 287 33.10 8.18 28.93
N GLY B 288 33.81 9.08 29.60
CA GLY B 288 35.26 9.13 29.48
C GLY B 288 35.78 9.54 28.12
N THR B 289 35.10 10.48 27.48
CA THR B 289 35.51 10.96 26.18
C THR B 289 35.80 12.45 26.25
N GLY B 290 36.50 12.98 25.25
CA GLY B 290 36.80 14.39 25.20
C GLY B 290 36.92 14.88 23.78
N PHE B 291 36.88 16.20 23.58
CA PHE B 291 37.03 16.76 22.24
C PHE B 291 38.41 16.29 21.78
N GLY B 292 38.58 16.06 20.48
CA GLY B 292 39.87 15.58 20.00
C GLY B 292 40.59 16.47 19.00
N ILE B 293 41.36 15.84 18.12
CA ILE B 293 42.12 16.54 17.09
C ILE B 293 41.21 17.55 16.38
N ARG B 294 41.66 18.80 16.31
CA ARG B 294 40.88 19.85 15.67
C ARG B 294 40.78 19.66 14.17
N PRO B 295 39.66 20.09 13.56
CA PRO B 295 39.44 19.96 12.12
C PRO B 295 40.61 20.59 11.37
N SER B 296 41.15 19.87 10.39
CA SER B 296 42.27 20.40 9.61
C SER B 296 42.59 19.52 8.41
N ALA B 297 43.01 20.14 7.31
CA ALA B 297 43.36 19.44 6.09
C ALA B 297 44.78 18.93 6.17
N ASN B 298 45.53 19.43 7.14
CA ASN B 298 46.91 18.99 7.33
C ASN B 298 46.86 17.75 8.20
N THR B 299 46.61 16.62 7.56
CA THR B 299 46.48 15.35 8.25
C THR B 299 47.72 14.48 8.30
N GLY B 300 48.75 14.84 7.54
CA GLY B 300 49.97 14.04 7.54
C GLY B 300 49.63 12.62 7.13
N ASP B 301 48.66 12.48 6.24
CA ASP B 301 48.21 11.17 5.76
C ASP B 301 47.89 11.26 4.27
N SER B 302 48.23 10.21 3.53
CA SER B 302 47.98 10.17 2.09
C SER B 302 46.52 10.01 1.70
N LEU B 303 45.73 9.37 2.57
CA LEU B 303 44.31 9.12 2.29
C LEU B 303 43.30 10.02 3.00
N LEU B 304 43.70 10.63 4.11
CA LEU B 304 42.78 11.50 4.84
C LEU B 304 42.81 12.93 4.34
N ASP B 305 41.68 13.39 3.80
CA ASP B 305 41.57 14.75 3.29
C ASP B 305 41.53 15.74 4.43
N SER B 306 41.00 15.31 5.56
CA SER B 306 40.89 16.19 6.71
C SER B 306 40.32 15.55 7.97
N PHE B 307 40.74 16.09 9.12
CA PHE B 307 40.21 15.65 10.40
C PHE B 307 38.97 16.52 10.49
N VAL B 308 37.85 15.98 10.97
CA VAL B 308 36.65 16.78 11.07
C VAL B 308 35.87 16.48 12.34
N TRP B 309 34.89 17.34 12.63
CA TRP B 309 34.03 17.18 13.79
C TRP B 309 32.63 17.10 13.19
N VAL B 310 32.18 15.90 12.87
CA VAL B 310 30.88 15.72 12.26
C VAL B 310 29.78 15.81 13.33
N LYS B 311 29.90 14.99 14.36
CA LYS B 311 28.94 15.02 15.46
C LYS B 311 29.34 16.15 16.41
N PRO B 312 28.48 17.17 16.57
CA PRO B 312 28.80 18.29 17.47
C PRO B 312 28.76 17.86 18.94
N GLY B 313 29.91 17.88 19.59
CA GLY B 313 29.98 17.50 20.99
C GLY B 313 29.09 18.31 21.90
N GLY B 314 28.14 17.64 22.55
CA GLY B 314 27.21 18.34 23.42
C GLY B 314 25.79 17.96 23.05
N GLU B 315 25.55 17.75 21.76
CA GLU B 315 24.23 17.37 21.29
C GLU B 315 24.09 15.88 21.57
N CYS B 316 23.06 15.50 22.30
CA CYS B 316 22.82 14.12 22.70
C CYS B 316 22.71 13.10 21.55
N ASP B 317 23.05 11.83 21.86
CA ASP B 317 22.98 10.73 20.90
C ASP B 317 21.63 10.01 20.99
N GLY B 318 21.02 10.07 22.16
CA GLY B 318 19.74 9.40 22.39
C GLY B 318 19.38 9.52 23.87
N THR B 319 18.11 9.29 24.21
CA THR B 319 17.71 9.43 25.60
C THR B 319 17.74 8.15 26.44
N SER B 320 17.97 8.33 27.73
CA SER B 320 18.02 7.21 28.66
C SER B 320 16.75 7.18 29.49
N ASP B 321 15.87 8.15 29.23
CA ASP B 321 14.60 8.23 29.95
C ASP B 321 13.65 7.15 29.46
N SER B 322 13.52 6.09 30.23
CA SER B 322 12.67 4.97 29.88
C SER B 322 11.18 5.31 29.80
N SER B 323 10.79 6.44 30.39
CA SER B 323 9.39 6.84 30.36
C SER B 323 9.10 7.85 29.27
N ALA B 324 10.03 7.99 28.33
CA ALA B 324 9.86 8.92 27.24
C ALA B 324 9.87 8.17 25.91
N PRO B 325 9.24 8.74 24.88
CA PRO B 325 9.23 8.04 23.60
C PRO B 325 10.65 8.01 23.05
N ARG B 326 10.94 7.02 22.21
CA ARG B 326 12.26 6.88 21.61
C ARG B 326 13.35 6.44 22.57
N PHE B 327 12.96 5.90 23.72
CA PHE B 327 13.95 5.43 24.69
C PHE B 327 14.79 4.32 24.06
N ASP B 328 16.11 4.44 24.18
CA ASP B 328 17.01 3.44 23.62
C ASP B 328 17.81 2.85 24.77
N SER B 329 17.59 1.57 25.06
CA SER B 329 18.30 0.93 26.16
C SER B 329 19.81 1.00 26.03
N HIS B 330 20.32 1.28 24.82
CA HIS B 330 21.77 1.40 24.63
C HIS B 330 22.26 2.65 25.36
N CYS B 331 21.35 3.58 25.60
CA CYS B 331 21.70 4.82 26.28
C CYS B 331 21.53 4.71 27.79
N ALA B 332 21.27 3.49 28.26
CA ALA B 332 21.09 3.25 29.68
C ALA B 332 22.19 2.34 30.21
N LEU B 333 23.13 1.98 29.35
CA LEU B 333 24.23 1.11 29.74
C LEU B 333 25.13 1.84 30.74
N PRO B 334 25.97 1.08 31.47
CA PRO B 334 26.88 1.66 32.47
C PRO B 334 27.84 2.68 31.87
N ASP B 335 28.28 2.47 30.63
CA ASP B 335 29.21 3.39 29.99
C ASP B 335 28.53 4.51 29.21
N ALA B 336 27.23 4.70 29.45
CA ALA B 336 26.47 5.76 28.80
C ALA B 336 26.11 6.83 29.84
N LEU B 337 26.50 8.08 29.61
CA LEU B 337 26.22 9.14 30.57
C LEU B 337 24.72 9.41 30.74
N GLN B 338 24.30 9.55 31.99
CA GLN B 338 22.90 9.81 32.29
C GLN B 338 22.69 10.92 33.32
N PRO B 339 21.49 11.53 33.35
CA PRO B 339 20.35 11.25 32.47
C PRO B 339 20.58 11.93 31.13
N ALA B 340 20.22 11.26 30.04
CA ALA B 340 20.41 11.81 28.70
C ALA B 340 19.10 12.20 28.03
N PRO B 341 19.04 13.41 27.47
CA PRO B 341 17.84 13.93 26.79
C PRO B 341 17.64 13.33 25.41
N GLN B 342 16.60 13.78 24.72
CA GLN B 342 16.32 13.28 23.39
C GLN B 342 17.53 13.52 22.49
N ALA B 343 17.67 12.69 21.46
CA ALA B 343 18.78 12.82 20.52
C ALA B 343 18.79 14.22 19.91
N GLY B 344 19.97 14.83 19.85
CA GLY B 344 20.07 16.16 19.28
C GLY B 344 19.89 17.29 20.27
N ALA B 345 19.26 17.01 21.40
CA ALA B 345 19.04 18.03 22.42
C ALA B 345 20.34 18.29 23.18
N TRP B 346 20.45 19.45 23.82
CA TRP B 346 21.66 19.76 24.55
C TRP B 346 21.82 18.92 25.80
N PHE B 347 23.01 18.34 25.96
CA PHE B 347 23.34 17.50 27.10
C PHE B 347 24.52 18.17 27.78
N GLN B 348 24.21 19.12 28.65
CA GLN B 348 25.19 19.91 29.38
C GLN B 348 26.28 19.08 30.04
N ALA B 349 25.88 18.07 30.81
CA ALA B 349 26.84 17.23 31.49
C ALA B 349 27.82 16.58 30.52
N TYR B 350 27.35 16.24 29.32
CA TYR B 350 28.24 15.62 28.34
C TYR B 350 29.20 16.65 27.77
N PHE B 351 28.69 17.85 27.53
CA PHE B 351 29.54 18.92 26.99
C PHE B 351 30.68 19.18 27.98
N VAL B 352 30.35 19.26 29.26
CA VAL B 352 31.35 19.50 30.29
C VAL B 352 32.40 18.41 30.32
N GLN B 353 31.96 17.16 30.11
CA GLN B 353 32.88 16.02 30.09
C GLN B 353 33.84 16.16 28.91
N LEU B 354 33.28 16.49 27.75
CA LEU B 354 34.08 16.66 26.54
C LEU B 354 35.12 17.77 26.71
N LEU B 355 34.69 18.89 27.28
CA LEU B 355 35.57 20.03 27.47
C LEU B 355 36.67 19.71 28.48
N THR B 356 36.29 19.08 29.59
CA THR B 356 37.26 18.72 30.62
C THR B 356 38.34 17.79 30.08
N ASN B 357 37.95 16.81 29.27
CA ASN B 357 38.89 15.85 28.73
C ASN B 357 39.43 16.25 27.36
N ALA B 358 39.25 17.52 27.00
CA ALA B 358 39.72 18.02 25.71
C ALA B 358 41.20 17.77 25.46
N ASN B 359 41.52 17.29 24.27
CA ASN B 359 42.89 17.02 23.87
C ASN B 359 43.03 17.15 22.34
N PRO B 360 43.64 18.25 21.87
CA PRO B 360 44.20 19.35 22.66
C PRO B 360 43.20 20.10 23.56
N SER B 361 43.69 20.51 24.72
CA SER B 361 42.88 21.22 25.71
C SER B 361 42.43 22.61 25.27
N PHE B 362 41.32 23.06 25.85
CA PHE B 362 40.77 24.38 25.58
C PHE B 362 41.10 25.23 26.80
N LEU B 363 41.25 24.55 27.93
CA LEU B 363 41.58 25.17 29.20
C LEU B 363 43.08 25.45 29.23
C1 XYP C . -35.24 -16.61 -5.84
C2 XYP C . -34.52 -15.66 -4.87
C3 XYP C . -35.40 -14.46 -4.52
C4 XYP C . -36.04 -13.83 -5.78
C5 XYP C . -36.72 -14.90 -6.62
O2 XYP C . -34.20 -16.34 -3.68
O3 XYP C . -34.62 -13.47 -3.87
O4 XYP C . -37.02 -12.89 -5.37
O5 XYP C . -35.76 -15.89 -6.96
C2 BGC C . -38.59 -11.24 -6.08
C3 BGC C . -38.79 -9.99 -6.92
C4 BGC C . -37.66 -8.98 -6.67
C5 BGC C . -36.29 -9.64 -6.86
C6 BGC C . -35.18 -8.68 -6.46
C1 BGC C . -37.19 -11.81 -6.28
O2 BGC C . -39.55 -12.21 -6.43
O3 BGC C . -40.04 -9.40 -6.63
O4 BGC C . -37.79 -7.89 -7.54
O5 BGC C . -36.21 -10.80 -6.02
O6 BGC C . -35.02 -8.69 -5.06
C1 XYS D . 23.72 8.13 15.86
C2 XYS D . 24.42 9.11 16.84
C3 XYS D . 23.52 10.28 17.29
C4 XYS D . 22.62 10.78 16.17
C5 XYS D . 21.81 9.63 15.63
O2 XYS D . 24.83 8.41 17.99
O3 XYS D . 24.34 11.35 17.72
O4 XYS D . 21.75 11.79 16.68
O5 XYS D . 22.71 8.71 15.02
C1 GLC D . 21.56 12.91 15.81
C2 GLC D . 20.19 13.53 16.08
C3 GLC D . 19.99 14.82 15.28
C4 GLC D . 21.17 15.77 15.49
C5 GLC D . 22.48 15.06 15.18
C6 GLC D . 23.66 15.97 15.47
O2 GLC D . 19.18 12.60 15.73
O3 GLC D . 18.79 15.44 15.68
O4 GLC D . 21.03 16.91 14.66
O5 GLC D . 22.60 13.88 16.01
O6 GLC D . 23.81 16.15 16.86
C1 NAG E . -34.35 -22.88 -30.49
C2 NAG E . -34.78 -23.54 -29.17
C3 NAG E . -36.22 -24.03 -29.27
C4 NAG E . -37.14 -22.87 -29.66
C5 NAG E . -36.66 -22.25 -30.98
C6 NAG E . -37.50 -21.04 -31.35
C7 NAG E . -32.99 -24.57 -27.91
C8 NAG E . -32.13 -25.79 -27.66
N2 NAG E . -33.90 -24.68 -28.88
O3 NAG E . -36.64 -24.58 -28.04
O4 NAG E . -38.46 -23.33 -29.80
O5 NAG E . -35.28 -21.83 -30.82
O6 NAG E . -38.87 -21.33 -31.21
O7 NAG E . -32.84 -23.55 -27.24
C1 NAG F . -10.35 -13.16 -3.83
C2 NAG F . -8.90 -13.00 -3.38
C3 NAG F . -8.71 -11.66 -2.66
C4 NAG F . -9.24 -10.50 -3.50
C5 NAG F . -10.67 -10.79 -3.97
C6 NAG F . -11.12 -9.70 -4.93
C7 NAG F . -7.61 -14.96 -2.82
C8 NAG F . -7.31 -16.07 -1.83
N2 NAG F . -8.55 -14.09 -2.49
O3 NAG F . -7.33 -11.46 -2.36
O4 NAG F . -9.20 -9.31 -2.75
O5 NAG F . -10.72 -12.05 -4.65
O6 NAG F . -10.56 -9.93 -6.21
O7 NAG F . -6.99 -14.88 -3.88
C1 MAN G . -19.51 1.22 -31.53
C2 MAN G . -18.83 -0.15 -31.67
C3 MAN G . -17.64 -0.26 -30.71
C4 MAN G . -16.72 0.98 -30.79
C5 MAN G . -17.54 2.26 -30.64
C6 MAN G . -16.66 3.48 -30.84
O2 MAN G . -18.40 -0.33 -32.99
O3 MAN G . -16.88 -1.42 -31.03
O4 MAN G . -15.74 0.93 -29.77
O5 MAN G . -18.57 2.28 -31.64
O6 MAN G . -16.38 3.63 -32.21
C1 MAN H . -17.92 5.78 -14.44
C2 MAN H . -16.60 5.87 -15.22
C3 MAN H . -15.44 6.03 -14.25
C4 MAN H . -15.56 7.33 -13.45
C5 MAN H . -17.03 7.73 -13.21
C6 MAN H . -17.54 8.72 -14.25
O2 MAN H . -16.63 6.95 -16.13
O3 MAN H . -14.23 6.02 -14.96
O4 MAN H . -14.93 7.18 -12.20
O5 MAN H . -17.87 6.55 -13.21
O6 MAN H . -18.84 9.17 -13.90
C1 MAN I . -38.84 5.12 -2.74
C2 MAN I . -39.97 5.23 -1.71
C3 MAN I . -40.03 3.95 -0.85
C4 MAN I . -40.13 2.71 -1.73
C5 MAN I . -39.00 2.70 -2.76
C6 MAN I . -39.17 1.53 -3.72
O2 MAN I . -41.20 5.43 -2.36
O3 MAN I . -41.15 4.01 0.01
O4 MAN I . -40.04 1.55 -0.92
O5 MAN I . -39.03 3.91 -3.52
O6 MAN I . -40.46 1.56 -4.31
C1 MAN J . -30.95 7.67 -0.11
C2 MAN J . -29.57 7.32 -0.66
C3 MAN J . -28.48 7.59 0.39
C4 MAN J . -28.61 9.01 0.92
C5 MAN J . -30.01 9.26 1.45
C6 MAN J . -30.17 10.70 1.95
O2 MAN J . -29.30 8.08 -1.82
O3 MAN J . -27.20 7.39 -0.17
O4 MAN J . -27.66 9.22 1.95
O5 MAN J . -30.96 9.01 0.40
O6 MAN J . -30.38 11.57 0.86
C1 MAN K . -37.54 7.53 0.29
C2 MAN K . -36.85 8.78 -0.23
C3 MAN K . -37.38 10.01 0.51
C4 MAN K . -38.90 10.09 0.40
C5 MAN K . -39.55 8.77 0.85
C6 MAN K . -41.04 8.79 0.57
O2 MAN K . -37.07 8.92 -1.61
O3 MAN K . -36.81 11.18 -0.01
O4 MAN K . -39.38 11.15 1.19
O5 MAN K . -38.96 7.67 0.14
O6 MAN K . -41.64 7.61 1.08
C1 MAN L . -36.79 0.30 10.67
C2 MAN L . -38.30 0.36 10.45
C3 MAN L . -39.02 0.64 11.76
C4 MAN L . -38.58 -0.35 12.85
C5 MAN L . -37.06 -0.34 12.98
C6 MAN L . -36.59 -1.37 14.01
O2 MAN L . -38.75 -0.86 9.91
O3 MAN L . -40.42 0.57 11.58
O4 MAN L . -39.17 -0.02 14.09
O5 MAN L . -36.48 -0.65 11.70
O6 MAN L . -35.19 -1.48 13.98
C1 MAN M . -22.89 8.96 10.17
C2 MAN M . -23.87 9.94 10.82
C3 MAN M . -23.86 11.27 10.06
C4 MAN M . -22.43 11.82 9.96
C5 MAN M . -21.49 10.77 9.38
C6 MAN M . -20.05 11.26 9.40
O2 MAN M . -23.54 10.14 12.17
O3 MAN M . -24.69 12.20 10.71
O4 MAN M . -22.42 12.97 9.14
O5 MAN M . -21.58 9.57 10.15
O6 MAN M . -19.19 10.26 8.92
CO CO N . -41.13 6.05 -23.17
CG IOB O . -35.94 -19.56 -6.25
CD2 IOB O . -35.53 -20.69 -5.51
CD1 IOB O . -37.31 -19.22 -6.30
CE2 IOB O . -36.46 -21.49 -4.82
CE1 IOB O . -38.26 -20.03 -5.59
CZ IOB O . -37.83 -21.15 -4.86
I IOB O . -40.34 -19.55 -5.65
O IOB O . -34.35 -17.61 -6.29
CB IOB O . -34.97 -18.69 -6.99
C1 NAG P . 21.68 1.47 -8.33
C2 NAG P . 21.24 0.92 -6.97
C3 NAG P . 19.74 0.57 -6.97
C4 NAG P . 18.91 1.72 -7.52
C5 NAG P . 19.44 2.14 -8.89
C6 NAG P . 18.64 3.31 -9.45
C7 NAG P . 23.12 -0.21 -5.95
C8 NAG P . 23.85 -1.52 -5.69
N2 NAG P . 22.00 -0.28 -6.67
O3 NAG P . 19.31 0.26 -5.66
O4 NAG P . 17.56 1.34 -7.61
O5 NAG P . 20.80 2.53 -8.75
O6 NAG P . 19.25 3.78 -10.62
O7 NAG P . 23.56 0.85 -5.51
C1 NAG Q . 48.79 11.28 15.03
C2 NAG Q . 50.31 11.41 15.10
C3 NAG Q . 50.74 12.77 15.66
C4 NAG Q . 50.01 13.92 14.95
C5 NAG Q . 48.49 13.67 14.96
C6 NAG Q . 47.76 14.76 14.21
C7 NAG Q . 51.32 9.23 15.45
C8 NAG Q . 51.82 8.19 16.45
N2 NAG Q . 50.84 10.36 15.96
O3 NAG Q . 52.12 12.94 15.51
O4 NAG Q . 50.29 15.15 15.58
O5 NAG Q . 48.23 12.41 14.34
O6 NAG Q . 48.03 14.67 12.82
O7 NAG Q . 51.37 9.02 14.24
C1 MAN R . 36.61 25.00 -10.61
C2 MAN R . 37.95 25.73 -10.73
C3 MAN R . 37.69 27.20 -11.07
C4 MAN R . 36.82 27.32 -12.31
C5 MAN R . 35.52 26.54 -12.11
C6 MAN R . 34.66 26.58 -13.37
O2 MAN R . 38.74 25.13 -11.73
O3 MAN R . 38.92 27.86 -11.29
O4 MAN R . 36.53 28.67 -12.57
O5 MAN R . 35.84 25.17 -11.80
O6 MAN R . 35.13 25.64 -14.29
C1 MAN S . 39.35 30.70 5.72
C2 MAN S . 39.96 31.08 4.37
C3 MAN S . 41.47 30.86 4.40
C4 MAN S . 42.10 31.58 5.59
C5 MAN S . 41.41 31.16 6.88
C6 MAN S . 41.97 31.93 8.07
O2 MAN S . 39.67 32.42 4.10
O3 MAN S . 42.04 31.34 3.19
O4 MAN S . 43.47 31.26 5.67
O5 MAN S . 40.00 31.43 6.76
O6 MAN S . 41.62 31.27 9.27
C1 MAN T . 20.41 29.69 19.60
C2 MAN T . 19.35 29.74 20.70
C3 MAN T . 19.35 28.44 21.50
C4 MAN T . 19.18 27.25 20.57
C5 MAN T . 20.28 27.27 19.51
C6 MAN T . 20.08 26.12 18.53
O2 MAN T . 18.08 29.94 20.11
O3 MAN T . 18.32 28.44 22.46
O4 MAN T . 19.26 26.05 21.31
O5 MAN T . 20.23 28.52 18.79
O6 MAN T . 18.76 26.13 18.02
C1 MAN U . 28.35 32.21 21.71
C2 MAN U . 29.66 31.83 21.01
C3 MAN U . 30.86 32.19 21.89
C4 MAN U . 30.78 33.65 22.34
C5 MAN U . 29.43 33.93 23.01
C6 MAN U . 29.31 35.41 23.38
O2 MAN U . 29.76 32.51 19.77
O3 MAN U . 32.06 31.98 21.18
O4 MAN U . 31.82 33.93 23.27
O5 MAN U . 28.38 33.59 22.08
O6 MAN U . 29.14 36.18 22.22
C1 MAN V . 21.92 31.89 22.67
C2 MAN V . 22.74 33.02 22.05
C3 MAN V . 22.42 34.34 22.74
C4 MAN V . 20.90 34.61 22.73
C5 MAN V . 20.14 33.41 23.28
C6 MAN V . 18.63 33.60 23.12
O2 MAN V . 22.44 33.11 20.68
O3 MAN V . 23.09 35.40 22.09
O4 MAN V . 20.61 35.75 23.50
O5 MAN V . 20.53 32.22 22.57
O6 MAN V . 17.94 32.45 23.52
C1 MAN W . 23.28 24.80 32.57
C2 MAN W . 21.78 24.92 32.83
C3 MAN W . 21.49 24.96 34.33
C4 MAN W . 22.15 23.77 35.03
C5 MAN W . 23.64 23.69 34.69
C6 MAN W . 24.28 22.45 35.30
O2 MAN W . 21.11 23.83 32.24
O3 MAN W . 20.10 24.92 34.56
O4 MAN W . 22.01 23.89 36.43
O5 MAN W . 23.79 23.65 33.26
O6 MAN W . 24.02 21.33 34.49
C1 MAN X . 37.60 32.96 31.29
C2 MAN X . 36.57 33.31 32.37
C3 MAN X . 35.92 34.66 32.07
C4 MAN X . 36.99 35.74 31.88
C5 MAN X . 38.00 35.30 30.81
C6 MAN X . 39.13 36.32 30.69
O2 MAN X . 37.18 33.35 33.64
O3 MAN X . 35.04 35.03 33.11
O4 MAN X . 36.39 36.96 31.51
O5 MAN X . 38.56 34.03 31.18
O6 MAN X . 39.77 36.19 29.43
I IOD Y . 19.10 5.63 16.48
CO CO Z . 16.80 30.94 -0.22
CG IOB AA . 23.39 4.42 15.79
CD2 IOB AA . 24.63 4.23 15.13
CD1 IOB AA . 22.74 3.30 16.37
CE2 IOB AA . 25.24 2.96 15.04
CE1 IOB AA . 23.34 2.00 16.29
CZ IOB AA . 24.58 1.84 15.62
I IOB AA . 22.35 0.33 17.17
O IOB AA . 23.33 6.92 16.48
CB IOB AA . 22.68 5.77 15.90
#